data_4H5W
#
_entry.id   4H5W
#
_cell.length_a   73.453
_cell.length_b   77.918
_cell.length_c   75.828
_cell.angle_alpha   90.00
_cell.angle_beta   100.68
_cell.angle_gamma   90.00
#
_symmetry.space_group_name_H-M   'P 1 21 1'
#
loop_
_entity.id
_entity.type
_entity.pdbx_description
1 polymer 'Heat shock cognate 71 kDa protein'
2 non-polymer 'MAGNESIUM ION'
3 non-polymer 'PHOSPHATE ION'
4 non-polymer 'TRIMETHYL GLYCINE'
5 non-polymer 'ACETATE ION'
6 water water
#
_entity_poly.entity_id   1
_entity_poly.type   'polypeptide(L)'
_entity_poly.pdbx_seq_one_letter_code
;SKGPAVGIDLGTTYSCVGVFQHGKVEIIANDQGNRTTPSYVAFTDTERLIGDAAKNQVAMNPTNTVFDAKRLIGRRFDDA
VVQSDMKHWPFMVVNDAGRPKVQVEYKGETKSFYPEEVSSMVLTKMKEIAEAYLGKTVTNAVVTVPAYFNDSQRQATKDA
GTIAGLNVLRIINEPTAAAIAYGLDKKVGAERNVLIFDLGGGTFDVSILTIEDGIFEVKSTAGDTHLGGEDFDNRMVNHF
IAEFKRKHKKDISENKRAVRRLRTACERAKRTLSSSTQASIEIDSLYEGIDFYTSITRARFEELNADLFRGTLDPVEKAL
RDAKLDKSQIHDIVLVGGSTRIPKIQKLLQDFFNGKELNKSINPDEAVAYGAAVQAAILSGDK
;
_entity_poly.pdbx_strand_id   A,B
#
loop_
_chem_comp.id
_chem_comp.type
_chem_comp.name
_chem_comp.formula
ACT non-polymer 'ACETATE ION' 'C2 H3 O2 -1'
BET non-polymer 'TRIMETHYL GLYCINE' 'C5 H12 N O2 1'
MG non-polymer 'MAGNESIUM ION' 'Mg 2'
PO4 non-polymer 'PHOSPHATE ION' 'O4 P -3'
#
# COMPACT_ATOMS: atom_id res chain seq x y z
N LYS A 2 -31.57 15.22 37.77
CA LYS A 2 -31.43 14.02 38.66
C LYS A 2 -30.00 13.88 39.25
N GLY A 3 -29.28 12.77 38.99
CA GLY A 3 -27.85 12.62 39.38
C GLY A 3 -26.91 13.09 38.29
N PRO A 4 -25.59 13.10 38.54
CA PRO A 4 -24.67 13.49 37.46
C PRO A 4 -24.41 12.33 36.44
N ALA A 5 -24.76 12.53 35.17
CA ALA A 5 -24.65 11.45 34.17
C ALA A 5 -23.42 11.60 33.32
N VAL A 6 -22.80 10.47 33.00
CA VAL A 6 -21.49 10.46 32.35
C VAL A 6 -21.52 9.76 31.00
N GLY A 7 -20.51 10.08 30.19
CA GLY A 7 -20.31 9.39 28.91
C GLY A 7 -19.06 8.50 28.99
N ILE A 8 -19.23 7.23 28.64
CA ILE A 8 -18.12 6.25 28.70
C ILE A 8 -17.90 5.58 27.33
N ASP A 9 -16.71 5.79 26.80
CA ASP A 9 -16.24 5.09 25.63
C ASP A 9 -15.59 3.85 26.17
N LEU A 10 -16.25 2.70 25.97
CA LEU A 10 -15.68 1.43 26.45
C LEU A 10 -14.91 0.80 25.27
N GLY A 11 -13.66 1.18 25.12
CA GLY A 11 -12.85 0.98 23.89
C GLY A 11 -12.18 -0.40 23.89
N THR A 12 -11.78 -0.85 22.71
CA THR A 12 -11.12 -2.18 22.59
C THR A 12 -9.80 -2.20 23.34
N THR A 13 -9.03 -1.11 23.20
CA THR A 13 -7.75 -1.02 23.85
C THR A 13 -7.74 -0.12 25.10
N TYR A 14 -8.54 0.95 25.06
CA TYR A 14 -8.51 2.04 26.04
C TYR A 14 -9.92 2.54 26.21
N SER A 15 -10.23 2.93 27.43
CA SER A 15 -11.54 3.43 27.78
C SER A 15 -11.36 4.86 28.26
N CYS A 16 -12.43 5.64 28.18
CA CYS A 16 -12.39 7.07 28.45
C CYS A 16 -13.78 7.49 28.96
N VAL A 17 -13.78 8.35 29.99
CA VAL A 17 -15.01 8.81 30.62
C VAL A 17 -15.08 10.34 30.68
N GLY A 18 -16.26 10.88 30.39
CA GLY A 18 -16.40 12.34 30.36
C GLY A 18 -17.69 12.78 31.06
N VAL A 19 -17.75 14.02 31.47
CA VAL A 19 -18.99 14.57 32.06
C VAL A 19 -19.29 15.94 31.46
N PHE A 20 -20.56 16.15 31.10
CA PHE A 20 -20.99 17.43 30.61
C PHE A 20 -21.56 18.18 31.80
N GLN A 21 -20.88 19.23 32.17
CA GLN A 21 -21.36 20.08 33.26
C GLN A 21 -21.27 21.56 32.81
N HIS A 22 -22.44 22.20 32.81
CA HIS A 22 -22.55 23.66 32.62
C HIS A 22 -21.96 24.12 31.29
N GLY A 23 -22.49 23.51 30.22
CA GLY A 23 -22.09 23.77 28.84
C GLY A 23 -20.66 23.44 28.48
N LYS A 24 -20.04 22.51 29.21
CA LYS A 24 -18.63 22.20 28.99
C LYS A 24 -18.33 20.74 29.33
N VAL A 25 -17.70 20.00 28.40
CA VAL A 25 -17.23 18.62 28.67
C VAL A 25 -15.89 18.65 29.37
N GLU A 26 -15.80 17.92 30.46
CA GLU A 26 -14.53 17.60 31.08
C GLU A 26 -14.31 16.09 30.80
N ILE A 27 -13.23 15.77 30.09
CA ILE A 27 -12.72 14.37 30.05
C ILE A 27 -11.94 14.15 31.33
N ILE A 28 -12.25 13.09 32.06
CA ILE A 28 -11.75 12.90 33.44
C ILE A 28 -10.47 12.08 33.51
N ALA A 29 -9.41 12.66 34.07
CA ALA A 29 -8.14 11.93 34.26
C ALA A 29 -8.28 10.92 35.38
N ASN A 30 -7.67 9.75 35.23
CA ASN A 30 -7.65 8.77 36.29
C ASN A 30 -6.69 9.21 37.44
N ASP A 31 -6.48 8.34 38.41
CA ASP A 31 -5.60 8.63 39.57
C ASP A 31 -4.15 8.90 39.14
N GLN A 32 -3.76 8.36 37.98
CA GLN A 32 -2.41 8.55 37.42
C GLN A 32 -2.28 9.73 36.49
N GLY A 33 -3.29 10.60 36.44
CA GLY A 33 -3.31 11.76 35.52
C GLY A 33 -3.63 11.47 34.05
N ASN A 34 -3.93 10.20 33.75
CA ASN A 34 -4.24 9.75 32.41
C ASN A 34 -5.73 9.87 32.04
N ARG A 35 -6.00 10.59 30.94
CA ARG A 35 -7.37 10.81 30.45
C ARG A 35 -8.01 9.60 29.73
N THR A 36 -7.19 8.59 29.40
CA THR A 36 -7.66 7.30 28.92
C THR A 36 -7.06 6.22 29.83
N THR A 37 -7.74 5.08 29.88
CA THR A 37 -7.40 3.97 30.79
C THR A 37 -7.39 2.68 29.97
N PRO A 38 -6.30 1.88 30.06
CA PRO A 38 -6.35 0.64 29.28
C PRO A 38 -7.50 -0.30 29.73
N SER A 39 -8.10 -0.94 28.73
CA SER A 39 -9.20 -1.88 28.93
C SER A 39 -8.55 -3.25 29.24
N TYR A 40 -7.86 -3.28 30.38
CA TYR A 40 -7.07 -4.44 30.86
C TYR A 40 -7.50 -4.79 32.27
N VAL A 41 -7.55 -6.08 32.54
CA VAL A 41 -7.88 -6.61 33.87
C VAL A 41 -6.88 -7.73 34.10
N ALA A 42 -6.14 -7.64 35.23
CA ALA A 42 -5.17 -8.66 35.59
C ALA A 42 -5.58 -9.36 36.92
N PHE A 43 -5.24 -10.64 37.03
CA PHE A 43 -5.52 -11.43 38.26
C PHE A 43 -4.19 -11.98 38.75
N THR A 44 -3.88 -11.73 40.02
CA THR A 44 -2.60 -12.12 40.66
C THR A 44 -2.84 -13.05 41.88
N ASP A 45 -1.76 -13.50 42.51
CA ASP A 45 -1.79 -14.31 43.75
C ASP A 45 -2.62 -13.68 44.85
N THR A 46 -2.82 -12.36 44.79
CA THR A 46 -3.38 -11.61 45.91
C THR A 46 -4.51 -10.64 45.54
N GLU A 47 -4.50 -10.14 44.30
CA GLU A 47 -5.43 -9.07 43.92
C GLU A 47 -5.87 -9.08 42.44
N ARG A 48 -6.96 -8.37 42.19
CA ARG A 48 -7.48 -8.17 40.84
C ARG A 48 -7.12 -6.75 40.43
N LEU A 49 -6.39 -6.60 39.32
CA LEU A 49 -5.92 -5.28 38.91
C LEU A 49 -6.69 -4.82 37.67
N ILE A 50 -6.97 -3.51 37.57
CA ILE A 50 -7.73 -2.97 36.46
C ILE A 50 -7.04 -1.72 35.90
N GLY A 51 -6.98 -1.61 34.56
CA GLY A 51 -6.37 -0.42 33.90
C GLY A 51 -4.84 -0.38 33.83
N ASP A 52 -4.27 0.76 34.24
CA ASP A 52 -2.82 1.00 34.11
C ASP A 52 -2.02 -0.05 34.90
N ALA A 53 -2.49 -0.35 36.11
CA ALA A 53 -1.85 -1.31 37.03
C ALA A 53 -1.84 -2.68 36.39
N ALA A 54 -2.93 -3.01 35.70
CA ALA A 54 -3.02 -4.27 35.01
C ALA A 54 -2.12 -4.33 33.77
N LYS A 55 -2.18 -3.31 32.91
CA LYS A 55 -1.33 -3.28 31.75
C LYS A 55 0.18 -3.22 32.10
N ASN A 56 0.54 -2.58 33.21
CA ASN A 56 1.97 -2.51 33.63
C ASN A 56 2.66 -3.86 34.02
N GLN A 57 1.88 -4.86 34.45
CA GLN A 57 2.45 -6.18 34.82
C GLN A 57 2.14 -7.30 33.80
N VAL A 58 1.75 -6.91 32.59
CA VAL A 58 1.41 -7.90 31.56
C VAL A 58 2.55 -8.87 31.16
N ALA A 59 3.77 -8.35 31.03
CA ALA A 59 4.95 -9.14 30.59
C ALA A 59 5.31 -10.22 31.61
N MET A 60 5.21 -9.87 32.89
CA MET A 60 5.39 -10.71 34.09
C MET A 60 4.24 -11.72 34.34
N ASN A 61 3.02 -11.43 33.86
CA ASN A 61 1.87 -12.25 34.19
C ASN A 61 0.90 -12.50 32.99
N PRO A 62 1.46 -12.96 31.84
CA PRO A 62 0.67 -12.87 30.60
C PRO A 62 -0.61 -13.72 30.56
N THR A 63 -0.62 -14.87 31.25
CA THR A 63 -1.72 -15.81 31.13
C THR A 63 -2.96 -15.40 31.96
N ASN A 64 -2.76 -14.55 32.97
CA ASN A 64 -3.86 -14.05 33.82
C ASN A 64 -4.25 -12.58 33.62
N THR A 65 -3.70 -11.98 32.57
CA THR A 65 -3.91 -10.57 32.27
C THR A 65 -4.76 -10.54 30.99
N VAL A 66 -5.99 -10.03 31.13
CA VAL A 66 -7.04 -10.11 30.09
C VAL A 66 -7.23 -8.76 29.41
N PHE A 67 -7.41 -8.82 28.10
CA PHE A 67 -7.60 -7.64 27.28
C PHE A 67 -8.40 -8.08 26.05
N ASP A 68 -8.81 -7.14 25.19
CA ASP A 68 -9.60 -7.48 24.00
C ASP A 68 -10.95 -8.15 24.36
N ALA A 69 -11.40 -8.08 25.61
CA ALA A 69 -12.76 -8.59 25.99
C ALA A 69 -13.92 -8.11 25.07
N LYS A 70 -13.77 -6.91 24.52
CA LYS A 70 -14.70 -6.34 23.51
C LYS A 70 -14.81 -7.15 22.21
N ARG A 71 -13.73 -7.86 21.85
CA ARG A 71 -13.75 -8.79 20.68
C ARG A 71 -14.61 -10.03 20.91
N LEU A 72 -14.83 -10.36 22.18
CA LEU A 72 -15.67 -11.49 22.62
C LEU A 72 -17.13 -11.12 22.98
N ILE A 73 -17.34 -9.89 23.48
CA ILE A 73 -18.64 -9.48 24.06
C ILE A 73 -19.82 -9.74 23.11
N GLY A 74 -20.88 -10.39 23.61
CA GLY A 74 -22.08 -10.72 22.84
C GLY A 74 -21.91 -11.80 21.80
N ARG A 75 -20.76 -12.48 21.78
CA ARG A 75 -20.51 -13.50 20.80
C ARG A 75 -20.59 -14.88 21.45
N ARG A 76 -20.81 -15.86 20.60
CA ARG A 76 -20.79 -17.25 21.03
C ARG A 76 -19.41 -17.89 20.80
N PHE A 77 -19.07 -18.86 21.64
CA PHE A 77 -17.74 -19.53 21.62
C PHE A 77 -17.40 -20.07 20.21
N ASP A 78 -18.42 -20.67 19.60
CA ASP A 78 -18.37 -21.24 18.25
C ASP A 78 -18.21 -20.24 17.10
N ASP A 79 -18.54 -18.96 17.34
CA ASP A 79 -18.37 -17.87 16.38
C ASP A 79 -16.92 -17.95 15.84
N ALA A 80 -16.78 -17.92 14.51
CA ALA A 80 -15.48 -18.00 13.85
C ALA A 80 -14.53 -16.88 14.29
N VAL A 81 -15.08 -15.68 14.50
CA VAL A 81 -14.29 -14.52 14.95
C VAL A 81 -13.57 -14.86 16.28
N VAL A 82 -14.32 -15.46 17.21
CA VAL A 82 -13.79 -15.86 18.49
C VAL A 82 -12.66 -16.86 18.26
N GLN A 83 -12.85 -17.77 17.32
CA GLN A 83 -11.91 -18.86 17.04
C GLN A 83 -10.61 -18.32 16.46
N SER A 84 -10.66 -17.42 15.47
CA SER A 84 -9.41 -16.80 15.03
C SER A 84 -8.70 -16.01 16.11
N ASP A 85 -9.43 -15.12 16.81
CA ASP A 85 -8.83 -14.23 17.81
C ASP A 85 -8.17 -14.98 18.95
N MET A 86 -8.85 -16.02 19.43
CA MET A 86 -8.35 -16.86 20.53
C MET A 86 -6.93 -17.34 20.28
N LYS A 87 -6.61 -17.58 18.99
CA LYS A 87 -5.29 -18.09 18.56
C LYS A 87 -4.19 -17.07 18.80
N HIS A 88 -4.58 -15.82 19.07
CA HIS A 88 -3.55 -14.80 19.36
C HIS A 88 -3.51 -14.21 20.77
N TRP A 89 -4.36 -14.71 21.67
CA TRP A 89 -4.26 -14.36 23.09
C TRP A 89 -3.47 -15.38 23.93
N PRO A 90 -2.71 -14.88 24.93
CA PRO A 90 -2.03 -15.69 25.94
C PRO A 90 -2.91 -16.24 27.06
N PHE A 91 -4.08 -15.66 27.29
CA PHE A 91 -4.97 -16.24 28.31
C PHE A 91 -5.86 -17.27 27.62
N MET A 92 -6.44 -18.17 28.44
CA MET A 92 -7.39 -19.16 27.95
C MET A 92 -8.81 -18.58 27.77
N VAL A 93 -9.47 -19.02 26.69
CA VAL A 93 -10.90 -18.88 26.48
C VAL A 93 -11.50 -20.31 26.39
N VAL A 94 -12.41 -20.63 27.31
CA VAL A 94 -13.12 -21.92 27.33
C VAL A 94 -14.64 -21.74 27.03
N ASN A 95 -15.27 -22.85 26.65
CA ASN A 95 -16.70 -22.90 26.33
C ASN A 95 -17.54 -23.24 27.57
N ASP A 96 -18.49 -22.39 27.92
CA ASP A 96 -19.48 -22.73 28.96
C ASP A 96 -20.88 -22.71 28.36
N ALA A 97 -21.33 -23.92 28.01
CA ALA A 97 -22.61 -24.16 27.34
C ALA A 97 -22.90 -23.20 26.17
N GLY A 98 -21.97 -23.13 25.25
CA GLY A 98 -22.17 -22.31 24.03
C GLY A 98 -21.51 -20.95 24.11
N ARG A 99 -21.42 -20.39 25.32
CA ARG A 99 -20.87 -19.02 25.59
C ARG A 99 -19.39 -19.01 26.00
N PRO A 100 -18.57 -18.10 25.41
CA PRO A 100 -17.15 -18.02 25.74
C PRO A 100 -16.88 -17.44 27.14
N LYS A 101 -15.90 -18.02 27.82
CA LYS A 101 -15.48 -17.45 29.08
C LYS A 101 -13.96 -17.34 29.09
N VAL A 102 -13.44 -16.34 29.79
CA VAL A 102 -12.00 -16.27 29.93
C VAL A 102 -11.65 -17.05 31.20
N GLN A 103 -10.69 -17.96 31.09
CA GLN A 103 -10.21 -18.66 32.28
C GLN A 103 -8.86 -18.11 32.70
N VAL A 104 -8.74 -17.83 33.99
CA VAL A 104 -7.53 -17.36 34.63
C VAL A 104 -7.27 -18.12 35.95
N GLU A 105 -6.07 -17.95 36.50
CA GLU A 105 -5.76 -18.22 37.91
C GLU A 105 -5.75 -16.93 38.68
N TYR A 106 -6.42 -16.96 39.82
CA TYR A 106 -6.60 -15.81 40.65
C TYR A 106 -6.54 -16.35 42.08
N LYS A 107 -5.57 -15.84 42.85
CA LYS A 107 -5.35 -16.21 44.27
C LYS A 107 -5.28 -17.73 44.45
N GLY A 108 -4.61 -18.39 43.51
CA GLY A 108 -4.39 -19.82 43.52
C GLY A 108 -5.55 -20.67 43.02
N GLU A 109 -6.69 -20.06 42.67
CA GLU A 109 -7.82 -20.86 42.14
C GLU A 109 -8.10 -20.57 40.68
N THR A 110 -8.59 -21.57 39.96
CA THR A 110 -9.06 -21.41 38.61
C THR A 110 -10.38 -20.63 38.69
N LYS A 111 -10.48 -19.53 37.93
CA LYS A 111 -11.72 -18.77 37.82
C LYS A 111 -11.98 -18.45 36.35
N SER A 112 -13.24 -18.43 35.96
CA SER A 112 -13.66 -18.03 34.60
C SER A 112 -14.65 -16.83 34.63
N PHE A 113 -14.74 -16.07 33.53
CA PHE A 113 -15.54 -14.82 33.45
C PHE A 113 -16.14 -14.62 32.07
N TYR A 114 -17.42 -14.31 32.01
CA TYR A 114 -18.01 -13.87 30.76
C TYR A 114 -17.35 -12.57 30.30
N PRO A 115 -17.35 -12.30 28.98
CA PRO A 115 -16.65 -11.08 28.52
C PRO A 115 -17.36 -9.85 29.12
N GLU A 116 -18.67 -9.94 29.32
CA GLU A 116 -19.43 -8.84 29.94
C GLU A 116 -19.02 -8.61 31.37
N GLU A 117 -18.58 -9.66 32.08
CA GLU A 117 -18.10 -9.50 33.43
C GLU A 117 -16.73 -8.82 33.41
N VAL A 118 -15.89 -9.18 32.47
CA VAL A 118 -14.57 -8.49 32.31
C VAL A 118 -14.79 -7.00 31.95
N SER A 119 -15.62 -6.72 30.94
CA SER A 119 -15.95 -5.29 30.63
C SER A 119 -16.66 -4.55 31.80
N SER A 120 -17.40 -5.28 32.64
CA SER A 120 -18.02 -4.67 33.84
C SER A 120 -16.95 -4.18 34.82
N MET A 121 -15.80 -4.87 34.83
CA MET A 121 -14.73 -4.48 35.72
C MET A 121 -14.07 -3.22 35.21
N VAL A 122 -13.99 -3.11 33.89
CA VAL A 122 -13.46 -1.92 33.26
C VAL A 122 -14.40 -0.73 33.47
N LEU A 123 -15.68 -0.94 33.27
CA LEU A 123 -16.70 0.04 33.55
C LEU A 123 -16.73 0.49 35.02
N THR A 124 -16.52 -0.45 35.93
CA THR A 124 -16.40 -0.12 37.38
C THR A 124 -15.29 0.92 37.60
N LYS A 125 -14.15 0.69 36.95
CA LYS A 125 -12.99 1.59 37.04
C LYS A 125 -13.30 2.99 36.49
N MET A 126 -13.94 3.04 35.32
CA MET A 126 -14.37 4.31 34.72
C MET A 126 -15.32 5.13 35.62
N LYS A 127 -16.20 4.42 36.31
CA LYS A 127 -17.19 5.01 37.25
C LYS A 127 -16.46 5.58 38.43
N GLU A 128 -15.53 4.79 38.98
CA GLU A 128 -14.67 5.26 40.08
C GLU A 128 -13.86 6.50 39.75
N ILE A 129 -13.30 6.50 38.54
CA ILE A 129 -12.62 7.64 37.94
C ILE A 129 -13.52 8.86 37.99
N ALA A 130 -14.75 8.74 37.45
CA ALA A 130 -15.67 9.87 37.49
C ALA A 130 -16.03 10.30 38.94
N GLU A 131 -16.23 9.31 39.83
CA GLU A 131 -16.63 9.62 41.22
C GLU A 131 -15.50 10.31 41.99
N ALA A 132 -14.24 9.89 41.74
CA ALA A 132 -13.07 10.57 42.30
C ALA A 132 -12.97 12.04 41.87
N TYR A 133 -13.28 12.33 40.60
CA TYR A 133 -13.30 13.70 40.14
C TYR A 133 -14.52 14.52 40.68
N LEU A 134 -15.72 13.94 40.59
CA LEU A 134 -16.96 14.63 40.95
C LEU A 134 -17.21 14.72 42.47
N GLY A 135 -16.65 13.77 43.23
CA GLY A 135 -16.87 13.75 44.68
C GLY A 135 -18.29 13.34 45.10
N LYS A 136 -18.95 12.61 44.20
CA LYS A 136 -20.37 12.24 44.23
C LYS A 136 -20.48 10.85 43.63
N THR A 137 -21.50 10.08 44.07
CA THR A 137 -21.85 8.83 43.44
C THR A 137 -22.38 9.03 41.97
N VAL A 138 -21.84 8.18 41.10
CA VAL A 138 -22.18 8.12 39.68
C VAL A 138 -22.92 6.81 39.34
N THR A 139 -24.12 6.95 38.78
CA THR A 139 -24.90 5.79 38.39
C THR A 139 -25.28 5.86 36.90
N ASN A 140 -25.75 7.01 36.46
CA ASN A 140 -26.29 7.13 35.11
C ASN A 140 -25.17 7.31 34.10
N ALA A 141 -25.28 6.57 33.01
CA ALA A 141 -24.26 6.66 31.96
C ALA A 141 -24.80 6.33 30.58
N VAL A 142 -24.25 6.99 29.57
CA VAL A 142 -24.37 6.53 28.20
C VAL A 142 -23.04 5.76 27.88
N VAL A 143 -23.15 4.53 27.38
CA VAL A 143 -22.00 3.77 26.94
C VAL A 143 -22.08 3.64 25.41
N THR A 144 -20.94 3.85 24.75
CA THR A 144 -20.90 3.74 23.29
C THR A 144 -20.45 2.31 22.82
N VAL A 145 -20.77 1.99 21.55
CA VAL A 145 -20.42 0.69 20.92
C VAL A 145 -20.14 0.99 19.44
N PRO A 146 -19.40 0.09 18.77
CA PRO A 146 -19.22 0.28 17.34
C PRO A 146 -20.56 0.16 16.60
N ALA A 147 -20.67 0.91 15.50
CA ALA A 147 -21.91 0.95 14.70
C ALA A 147 -22.31 -0.41 14.15
N TYR A 148 -21.33 -1.32 14.03
CA TYR A 148 -21.60 -2.64 13.48
C TYR A 148 -22.04 -3.64 14.49
N PHE A 149 -21.93 -3.32 15.79
CA PHE A 149 -22.42 -4.20 16.87
C PHE A 149 -23.88 -4.60 16.63
N ASN A 150 -24.19 -5.87 16.84
CA ASN A 150 -25.54 -6.36 16.64
C ASN A 150 -26.30 -6.23 17.95
N ASP A 151 -27.56 -6.67 17.94
CA ASP A 151 -28.37 -6.70 19.18
C ASP A 151 -27.77 -7.40 20.36
N SER A 152 -27.17 -8.54 20.10
CA SER A 152 -26.54 -9.31 21.15
C SER A 152 -25.31 -8.60 21.77
N GLN A 153 -24.52 -7.93 20.93
CA GLN A 153 -23.29 -7.25 21.40
C GLN A 153 -23.64 -6.01 22.21
N ARG A 154 -24.67 -5.29 21.74
CA ARG A 154 -25.20 -4.14 22.50
C ARG A 154 -25.81 -4.51 23.86
N GLN A 155 -26.56 -5.64 23.90
CA GLN A 155 -27.17 -6.07 25.13
C GLN A 155 -26.12 -6.45 26.14
N ALA A 156 -25.12 -7.17 25.69
CA ALA A 156 -24.05 -7.62 26.57
C ALA A 156 -23.28 -6.44 27.11
N THR A 157 -23.09 -5.43 26.26
CA THR A 157 -22.46 -4.15 26.67
C THR A 157 -23.34 -3.48 27.72
N LYS A 158 -24.64 -3.41 27.46
CA LYS A 158 -25.56 -2.88 28.44
C LYS A 158 -25.44 -3.69 29.76
N ASP A 159 -25.46 -5.03 29.63
CA ASP A 159 -25.33 -5.93 30.79
C ASP A 159 -24.04 -5.69 31.58
N ALA A 160 -22.92 -5.42 30.87
CA ALA A 160 -21.66 -5.04 31.57
C ALA A 160 -21.82 -3.79 32.46
N GLY A 161 -22.61 -2.84 31.96
CA GLY A 161 -22.90 -1.61 32.70
C GLY A 161 -23.74 -1.94 33.94
N THR A 162 -24.77 -2.76 33.77
CA THR A 162 -25.59 -3.08 34.92
C THR A 162 -24.89 -3.94 35.98
N ILE A 163 -24.00 -4.85 35.56
CA ILE A 163 -23.20 -5.61 36.52
C ILE A 163 -22.34 -4.61 37.30
N ALA A 164 -21.90 -3.54 36.65
CA ALA A 164 -21.05 -2.54 37.31
C ALA A 164 -21.82 -1.61 38.24
N GLY A 165 -23.14 -1.73 38.25
CA GLY A 165 -23.96 -0.87 39.10
C GLY A 165 -24.36 0.40 38.40
N LEU A 166 -24.24 0.40 37.07
CA LEU A 166 -24.57 1.57 36.33
C LEU A 166 -26.00 1.42 35.85
N ASN A 167 -26.64 2.57 35.64
CA ASN A 167 -27.87 2.59 34.91
C ASN A 167 -27.56 3.12 33.55
N VAL A 168 -27.56 2.22 32.56
CA VAL A 168 -27.22 2.64 31.20
C VAL A 168 -28.41 3.32 30.57
N LEU A 169 -28.30 4.63 30.40
CA LEU A 169 -29.38 5.47 29.84
C LEU A 169 -29.67 5.06 28.43
N ARG A 170 -28.60 4.98 27.62
CA ARG A 170 -28.68 4.50 26.26
C ARG A 170 -27.35 3.92 25.81
N ILE A 171 -27.44 2.87 24.98
CA ILE A 171 -26.29 2.50 24.12
C ILE A 171 -26.39 3.24 22.79
N ILE A 172 -25.33 3.97 22.45
CA ILE A 172 -25.24 4.76 21.23
C ILE A 172 -23.98 4.43 20.43
N ASN A 173 -24.07 4.69 19.13
CA ASN A 173 -22.91 4.39 18.26
C ASN A 173 -21.71 5.29 18.44
N GLU A 174 -20.51 4.71 18.32
CA GLU A 174 -19.27 5.52 18.45
C GLU A 174 -19.18 6.67 17.41
N PRO A 175 -19.41 6.35 16.14
CA PRO A 175 -19.30 7.47 15.19
C PRO A 175 -20.42 8.53 15.35
N THR A 176 -21.60 8.14 15.80
CA THR A 176 -22.67 9.07 16.17
C THR A 176 -22.21 9.93 17.36
N ALA A 177 -21.63 9.30 18.38
CA ALA A 177 -21.06 10.05 19.50
C ALA A 177 -20.06 11.07 19.03
N ALA A 178 -19.17 10.69 18.10
CA ALA A 178 -18.11 11.59 17.59
C ALA A 178 -18.75 12.78 16.81
N ALA A 179 -19.80 12.53 16.04
CA ALA A 179 -20.58 13.60 15.35
C ALA A 179 -21.24 14.62 16.33
N ILE A 180 -21.82 14.10 17.40
CA ILE A 180 -22.44 14.85 18.50
C ILE A 180 -21.41 15.75 19.16
N ALA A 181 -20.17 15.22 19.32
CA ALA A 181 -19.08 15.95 19.96
C ALA A 181 -18.82 17.21 19.17
N TYR A 182 -18.86 17.06 17.86
CA TYR A 182 -18.60 18.17 16.96
C TYR A 182 -19.85 19.00 16.66
N GLY A 183 -20.99 18.63 17.25
CA GLY A 183 -22.25 19.41 17.11
C GLY A 183 -22.81 19.40 15.69
N LEU A 184 -22.47 18.35 14.94
CA LEU A 184 -22.91 18.20 13.55
C LEU A 184 -24.41 18.05 13.44
N ASP A 185 -25.01 17.46 14.46
CA ASP A 185 -26.48 17.30 14.44
C ASP A 185 -27.21 18.60 14.80
N LYS A 186 -26.45 19.60 15.25
CA LYS A 186 -26.97 20.96 15.52
C LYS A 186 -26.79 21.91 14.31
N LYS A 187 -26.11 21.46 13.23
CA LYS A 187 -25.99 22.31 12.00
C LYS A 187 -27.26 22.17 11.16
N VAL A 188 -28.21 23.08 11.39
CA VAL A 188 -29.52 23.03 10.73
C VAL A 188 -29.45 23.50 9.24
N GLY A 189 -30.06 22.70 8.36
CA GLY A 189 -29.93 22.86 6.93
C GLY A 189 -30.33 21.58 6.27
N ALA A 190 -29.85 21.35 5.05
CA ALA A 190 -30.25 20.16 4.33
C ALA A 190 -29.53 18.99 5.00
N GLU A 191 -29.95 17.79 4.65
CA GLU A 191 -29.38 16.53 5.13
C GLU A 191 -27.84 16.58 5.03
N ARG A 192 -27.12 16.17 6.08
CA ARG A 192 -25.67 16.20 6.04
C ARG A 192 -25.16 14.76 5.92
N ASN A 193 -24.21 14.55 5.01
CA ASN A 193 -23.49 13.27 4.94
C ASN A 193 -22.18 13.40 5.66
N VAL A 194 -21.99 12.53 6.69
CA VAL A 194 -20.80 12.58 7.57
C VAL A 194 -19.98 11.29 7.47
N LEU A 195 -18.68 11.46 7.28
CA LEU A 195 -17.79 10.29 7.31
C LEU A 195 -16.92 10.37 8.57
N ILE A 196 -16.90 9.29 9.30
CA ILE A 196 -16.06 9.19 10.50
C ILE A 196 -14.89 8.26 10.19
N PHE A 197 -13.67 8.76 10.32
CA PHE A 197 -12.44 7.97 10.03
C PHE A 197 -11.86 7.69 11.43
N ASP A 198 -12.04 6.49 11.93
CA ASP A 198 -11.75 6.11 13.33
C ASP A 198 -10.66 5.06 13.30
N LEU A 199 -9.43 5.53 13.45
CA LEU A 199 -8.28 4.66 13.59
C LEU A 199 -7.77 4.53 15.02
N GLY A 200 -8.23 3.49 15.73
CA GLY A 200 -7.89 3.26 17.13
C GLY A 200 -6.63 2.41 17.30
N GLY A 201 -6.45 1.89 18.51
CA GLY A 201 -5.32 1.11 18.86
C GLY A 201 -5.34 -0.27 18.25
N GLY A 202 -6.52 -0.87 18.12
CA GLY A 202 -6.60 -2.24 17.56
C GLY A 202 -7.53 -2.39 16.38
N THR A 203 -8.36 -1.37 16.13
CA THR A 203 -9.40 -1.45 15.09
C THR A 203 -9.44 -0.20 14.28
N PHE A 204 -9.88 -0.36 13.02
CA PHE A 204 -10.07 0.75 12.09
C PHE A 204 -11.53 0.70 11.57
N ASP A 205 -12.28 1.78 11.83
CA ASP A 205 -13.71 1.85 11.43
C ASP A 205 -14.00 3.07 10.57
N VAL A 206 -14.59 2.86 9.41
CA VAL A 206 -15.11 4.01 8.63
C VAL A 206 -16.63 3.87 8.66
N SER A 207 -17.30 4.99 8.92
CA SER A 207 -18.77 5.00 9.04
C SER A 207 -19.25 6.20 8.25
N ILE A 208 -20.34 6.00 7.54
CA ILE A 208 -20.97 7.13 6.89
C ILE A 208 -22.37 7.20 7.48
N LEU A 209 -22.65 8.37 8.04
CA LEU A 209 -23.92 8.74 8.65
C LEU A 209 -24.64 9.78 7.82
N THR A 210 -25.96 9.70 7.85
CA THR A 210 -26.80 10.84 7.45
C THR A 210 -27.57 11.48 8.61
N ILE A 211 -27.56 12.82 8.62
CA ILE A 211 -28.23 13.57 9.66
C ILE A 211 -29.31 14.41 8.97
N GLU A 212 -30.56 13.97 9.08
CA GLU A 212 -31.71 14.72 8.52
C GLU A 212 -32.55 15.25 9.68
N ASP A 213 -32.81 16.56 9.68
CA ASP A 213 -33.48 17.25 10.81
C ASP A 213 -32.90 16.80 12.17
N GLY A 214 -31.58 16.54 12.22
CA GLY A 214 -30.94 16.22 13.50
C GLY A 214 -31.00 14.76 13.93
N ILE A 215 -31.62 13.92 13.10
CA ILE A 215 -31.72 12.49 13.36
C ILE A 215 -30.61 11.80 12.59
N PHE A 216 -29.97 10.82 13.24
CA PHE A 216 -28.85 10.05 12.66
C PHE A 216 -29.33 8.73 12.03
N GLU A 217 -28.86 8.47 10.82
CA GLU A 217 -28.95 7.13 10.24
C GLU A 217 -27.56 6.67 9.78
N VAL A 218 -27.20 5.43 10.10
CA VAL A 218 -25.99 4.79 9.58
C VAL A 218 -26.26 4.33 8.12
N LYS A 219 -25.52 4.92 7.19
CA LYS A 219 -25.65 4.56 5.78
C LYS A 219 -24.70 3.41 5.43
N SER A 220 -23.48 3.42 6.00
CA SER A 220 -22.39 2.49 5.65
C SER A 220 -21.41 2.31 6.78
N THR A 221 -20.88 1.09 6.91
CA THR A 221 -19.71 0.81 7.74
C THR A 221 -18.63 0.06 6.92
N ALA A 222 -17.36 0.33 7.23
CA ALA A 222 -16.23 -0.37 6.61
C ALA A 222 -15.01 -0.33 7.55
N GLY A 223 -13.92 -1.02 7.15
CA GLY A 223 -12.65 -0.90 7.90
C GLY A 223 -12.01 -2.26 8.03
N ASP A 224 -11.27 -2.44 9.11
CA ASP A 224 -10.47 -3.62 9.32
C ASP A 224 -10.42 -3.77 10.84
N THR A 225 -10.99 -4.85 11.34
CA THR A 225 -11.10 -5.11 12.80
C THR A 225 -9.70 -5.52 13.38
N HIS A 226 -8.72 -5.67 12.49
CA HIS A 226 -7.34 -5.93 12.95
C HIS A 226 -6.29 -5.02 12.41
N LEU A 227 -6.65 -3.76 12.18
CA LEU A 227 -5.66 -2.73 11.93
C LEU A 227 -5.87 -1.62 12.94
N GLY A 228 -4.81 -1.24 13.62
CA GLY A 228 -4.86 -0.13 14.53
C GLY A 228 -3.50 0.46 14.77
N GLY A 229 -3.43 1.45 15.67
CA GLY A 229 -2.15 2.05 16.08
C GLY A 229 -1.12 1.01 16.53
N GLU A 230 -1.59 -0.07 17.13
CA GLU A 230 -0.66 -1.10 17.62
C GLU A 230 0.13 -1.84 16.49
N ASP A 231 -0.43 -1.92 15.28
CA ASP A 231 0.29 -2.42 14.10
C ASP A 231 1.46 -1.55 13.75
N PHE A 232 1.29 -0.21 13.86
CA PHE A 232 2.42 0.73 13.58
C PHE A 232 3.50 0.57 14.62
N ASP A 233 3.08 0.44 15.89
CA ASP A 233 3.97 0.21 17.03
C ASP A 233 4.84 -1.04 16.83
N ASN A 234 4.19 -2.11 16.41
CA ASN A 234 4.82 -3.34 15.99
C ASN A 234 5.95 -3.25 14.96
N ARG A 235 5.70 -2.53 13.88
CA ARG A 235 6.71 -2.27 12.90
C ARG A 235 7.89 -1.46 13.45
N MET A 236 7.63 -0.49 14.33
CA MET A 236 8.75 0.17 15.02
C MET A 236 9.54 -0.81 15.92
N VAL A 237 8.83 -1.63 16.67
CA VAL A 237 9.45 -2.65 17.54
C VAL A 237 10.40 -3.53 16.72
N ASN A 238 9.92 -4.09 15.62
CA ASN A 238 10.72 -4.97 14.75
C ASN A 238 11.92 -4.20 14.19
N HIS A 239 11.66 -2.93 13.81
CA HIS A 239 12.70 -2.05 13.30
C HIS A 239 13.81 -1.88 14.35
N PHE A 240 13.43 -1.69 15.61
CA PHE A 240 14.41 -1.48 16.66
C PHE A 240 15.09 -2.76 17.11
N ILE A 241 14.36 -3.88 17.05
CA ILE A 241 14.98 -5.19 17.33
C ILE A 241 16.10 -5.50 16.29
N ALA A 242 15.81 -5.24 15.01
CA ALA A 242 16.75 -5.38 13.92
C ALA A 242 17.96 -4.48 14.15
N GLU A 243 17.70 -3.25 14.60
CA GLU A 243 18.77 -2.28 14.85
C GLU A 243 19.68 -2.71 16.02
N PHE A 244 19.07 -3.21 17.10
CA PHE A 244 19.87 -3.73 18.25
C PHE A 244 20.76 -4.92 17.84
N LYS A 245 20.24 -5.77 16.95
CA LYS A 245 20.94 -6.96 16.46
C LYS A 245 22.14 -6.58 15.60
N ARG A 246 21.94 -5.70 14.60
CA ARG A 246 23.03 -5.06 13.86
C ARG A 246 24.06 -4.44 14.80
N LYS A 247 23.61 -3.64 15.79
CA LYS A 247 24.57 -2.98 16.71
C LYS A 247 25.31 -3.95 17.67
N HIS A 248 24.59 -4.83 18.33
CA HIS A 248 25.13 -5.68 19.42
C HIS A 248 25.24 -7.16 19.14
N LYS A 249 24.82 -7.54 17.94
CA LYS A 249 24.84 -8.91 17.48
C LYS A 249 24.12 -9.81 18.46
N LYS A 250 23.03 -9.28 19.02
CA LYS A 250 22.14 -9.98 19.95
C LYS A 250 20.68 -9.76 19.60
N ASP A 251 19.90 -10.81 19.77
CA ASP A 251 18.49 -10.82 19.52
C ASP A 251 17.75 -10.84 20.85
N ILE A 252 17.05 -9.72 21.10
CA ILE A 252 16.30 -9.50 22.34
C ILE A 252 14.89 -10.12 22.33
N SER A 253 14.51 -10.69 21.18
CA SER A 253 13.12 -11.11 20.90
C SER A 253 12.43 -12.07 21.87
N GLU A 254 13.21 -12.95 22.53
CA GLU A 254 12.63 -13.93 23.44
C GLU A 254 12.65 -13.46 24.90
N ASN A 255 13.23 -12.28 25.15
CA ASN A 255 13.05 -11.64 26.46
C ASN A 255 11.76 -10.76 26.42
N LYS A 256 10.70 -11.28 27.03
CA LYS A 256 9.39 -10.65 27.10
C LYS A 256 9.41 -9.25 27.71
N ARG A 257 10.12 -9.08 28.81
CA ARG A 257 10.24 -7.79 29.45
C ARG A 257 10.99 -6.78 28.57
N ALA A 258 12.09 -7.23 27.95
CA ALA A 258 12.83 -6.40 26.97
C ALA A 258 11.90 -5.90 25.85
N VAL A 259 11.16 -6.80 25.25
CA VAL A 259 10.28 -6.48 24.10
C VAL A 259 9.13 -5.56 24.54
N ARG A 260 8.55 -5.85 25.72
CA ARG A 260 7.53 -4.98 26.36
C ARG A 260 8.04 -3.56 26.58
N ARG A 261 9.27 -3.45 27.04
CA ARG A 261 9.81 -2.14 27.39
C ARG A 261 10.12 -1.37 26.12
N LEU A 262 10.60 -2.08 25.09
CA LEU A 262 10.79 -1.49 23.77
C LEU A 262 9.46 -1.03 23.22
N ARG A 263 8.42 -1.85 23.32
CA ARG A 263 7.12 -1.52 22.77
C ARG A 263 6.50 -0.25 23.37
N THR A 264 6.62 -0.12 24.69
CA THR A 264 6.18 1.05 25.45
C THR A 264 6.92 2.31 24.95
N ALA A 265 8.26 2.22 24.81
CA ALA A 265 9.05 3.30 24.18
C ALA A 265 8.63 3.69 22.74
N CYS A 266 8.33 2.68 21.93
CA CYS A 266 7.79 2.89 20.58
C CYS A 266 6.41 3.53 20.59
N GLU A 267 5.52 3.09 21.50
CA GLU A 267 4.19 3.76 21.68
C GLU A 267 4.39 5.24 22.01
N ARG A 268 5.29 5.53 22.96
CA ARG A 268 5.61 6.94 23.30
C ARG A 268 6.21 7.73 22.13
N ALA A 269 7.21 7.13 21.46
CA ALA A 269 7.79 7.71 20.27
C ALA A 269 6.78 8.03 19.18
N LYS A 270 5.85 7.12 18.93
CA LYS A 270 4.82 7.33 17.88
C LYS A 270 3.96 8.60 18.11
N ARG A 271 3.50 8.75 19.36
CA ARG A 271 2.80 9.97 19.82
C ARG A 271 3.68 11.22 19.59
N THR A 272 4.92 11.17 20.06
CA THR A 272 5.89 12.28 19.87
C THR A 272 6.06 12.69 18.42
N LEU A 273 6.15 11.68 17.52
CA LEU A 273 6.21 11.92 16.10
C LEU A 273 5.00 12.66 15.48
N SER A 274 3.85 12.72 16.16
CA SER A 274 2.72 13.51 15.62
C SER A 274 2.96 15.03 15.70
N SER A 275 3.81 15.40 16.64
CA SER A 275 4.12 16.77 17.00
C SER A 275 5.53 17.23 16.66
N SER A 276 6.47 16.30 16.51
CA SER A 276 7.85 16.60 16.28
C SER A 276 8.38 15.69 15.14
N THR A 277 9.48 16.07 14.49
CA THR A 277 9.95 15.38 13.30
C THR A 277 10.93 14.25 13.64
N GLN A 278 11.16 14.03 14.93
CA GLN A 278 12.06 12.95 15.39
C GLN A 278 11.67 12.63 16.80
N ALA A 279 12.02 11.42 17.23
CA ALA A 279 11.74 10.98 18.60
C ALA A 279 12.91 10.20 19.11
N SER A 280 13.23 10.38 20.39
CA SER A 280 14.30 9.51 21.02
C SER A 280 13.83 8.34 21.87
N ILE A 281 14.61 7.28 21.83
CA ILE A 281 14.36 6.05 22.59
C ILE A 281 15.53 5.99 23.55
N GLU A 282 15.23 5.88 24.85
CA GLU A 282 16.20 5.84 25.93
C GLU A 282 15.82 4.74 26.91
N ILE A 283 16.48 3.61 26.76
CA ILE A 283 16.15 2.44 27.59
C ILE A 283 17.42 1.98 28.33
N ASP A 284 17.34 1.98 29.64
CA ASP A 284 18.46 1.54 30.45
C ASP A 284 18.45 0.04 30.56
N SER A 285 19.65 -0.52 30.31
CA SER A 285 19.91 -1.98 30.38
C SER A 285 18.77 -2.80 29.70
N LEU A 286 18.57 -2.56 28.39
CA LEU A 286 17.50 -3.24 27.68
C LEU A 286 17.65 -4.78 27.65
N TYR A 287 18.87 -5.25 27.38
CA TYR A 287 19.10 -6.67 27.19
C TYR A 287 20.48 -7.02 27.61
N GLU A 288 20.58 -8.00 28.51
CA GLU A 288 21.88 -8.46 29.00
C GLU A 288 22.81 -7.31 29.36
N GLY A 289 22.24 -6.35 30.11
CA GLY A 289 22.91 -5.16 30.61
C GLY A 289 23.28 -4.09 29.61
N ILE A 290 22.82 -4.21 28.38
CA ILE A 290 23.20 -3.27 27.31
C ILE A 290 22.07 -2.23 27.19
N ASP A 291 22.43 -0.97 27.29
CA ASP A 291 21.51 0.16 27.16
C ASP A 291 21.18 0.35 25.66
N PHE A 292 20.05 0.99 25.39
CA PHE A 292 19.63 1.23 24.03
C PHE A 292 19.16 2.68 23.91
N TYR A 293 20.07 3.51 23.46
CA TYR A 293 19.79 4.92 23.25
C TYR A 293 19.91 5.18 21.77
N THR A 294 18.80 5.58 21.17
CA THR A 294 18.80 5.81 19.74
C THR A 294 17.65 6.78 19.42
N SER A 295 17.22 6.82 18.18
CA SER A 295 16.13 7.71 17.80
C SER A 295 15.57 7.24 16.46
N ILE A 296 14.46 7.85 16.04
CA ILE A 296 13.85 7.63 14.76
C ILE A 296 13.28 8.99 14.29
N THR A 297 13.40 9.30 13.01
CA THR A 297 12.72 10.41 12.37
C THR A 297 11.27 10.08 11.96
N ARG A 298 10.46 11.14 11.81
CA ARG A 298 9.09 11.05 11.33
C ARG A 298 9.09 10.36 9.99
N ALA A 299 10.04 10.75 9.12
CA ALA A 299 10.12 10.13 7.78
C ALA A 299 10.30 8.63 7.88
N ARG A 300 11.15 8.19 8.78
CA ARG A 300 11.44 6.75 8.85
C ARG A 300 10.21 5.97 9.34
N PHE A 301 9.54 6.55 10.33
CA PHE A 301 8.28 6.04 10.84
C PHE A 301 7.20 5.93 9.75
N GLU A 302 7.07 6.95 8.90
CA GLU A 302 6.11 6.91 7.77
C GLU A 302 6.47 5.85 6.73
N GLU A 303 7.77 5.73 6.45
CA GLU A 303 8.28 4.73 5.49
C GLU A 303 8.02 3.31 5.97
N LEU A 304 8.28 3.05 7.25
CA LEU A 304 7.98 1.75 7.86
C LEU A 304 6.52 1.35 7.71
N ASN A 305 5.61 2.33 7.72
CA ASN A 305 4.15 2.12 7.75
C ASN A 305 3.39 2.50 6.47
N ALA A 306 4.12 2.85 5.41
CA ALA A 306 3.58 3.49 4.22
C ALA A 306 2.46 2.71 3.54
N ASP A 307 2.60 1.40 3.47
CA ASP A 307 1.52 0.55 2.91
C ASP A 307 0.25 0.57 3.78
N LEU A 308 0.44 0.47 5.09
CA LEU A 308 -0.67 0.49 6.07
C LEU A 308 -1.43 1.82 6.02
N PHE A 309 -0.69 2.94 6.00
CA PHE A 309 -1.26 4.31 5.92
C PHE A 309 -2.12 4.45 4.65
N ARG A 310 -1.51 4.24 3.48
CA ARG A 310 -2.22 4.32 2.20
C ARG A 310 -3.45 3.41 2.06
N GLY A 311 -3.34 2.18 2.55
CA GLY A 311 -4.42 1.23 2.52
C GLY A 311 -5.66 1.63 3.35
N THR A 312 -5.50 2.57 4.29
CA THR A 312 -6.71 3.06 5.02
C THR A 312 -7.76 3.68 4.06
N LEU A 313 -7.32 4.14 2.90
CA LEU A 313 -8.19 4.83 1.94
C LEU A 313 -9.11 3.89 1.20
N ASP A 314 -8.73 2.62 1.17
CA ASP A 314 -9.57 1.60 0.61
C ASP A 314 -10.93 1.33 1.33
N PRO A 315 -10.96 1.15 2.67
CA PRO A 315 -12.29 1.14 3.26
C PRO A 315 -13.05 2.45 3.13
N VAL A 316 -12.34 3.55 2.93
CA VAL A 316 -13.04 4.85 2.76
C VAL A 316 -13.84 4.75 1.44
N GLU A 317 -13.19 4.23 0.40
CA GLU A 317 -13.81 4.05 -0.92
C GLU A 317 -14.96 3.06 -0.88
N LYS A 318 -14.82 1.96 -0.16
CA LYS A 318 -15.89 0.99 0.04
C LYS A 318 -17.10 1.56 0.85
N ALA A 319 -16.85 2.34 1.90
CA ALA A 319 -17.97 2.91 2.66
C ALA A 319 -18.80 3.84 1.78
N LEU A 320 -18.13 4.69 0.99
CA LEU A 320 -18.75 5.59 0.00
C LEU A 320 -19.62 4.86 -1.03
N ARG A 321 -19.06 3.82 -1.63
CA ARG A 321 -19.77 2.91 -2.51
C ARG A 321 -21.06 2.34 -1.92
N ASP A 322 -20.97 1.75 -0.74
CA ASP A 322 -22.14 1.23 -0.04
C ASP A 322 -23.17 2.25 0.42
N ALA A 323 -22.72 3.47 0.66
CA ALA A 323 -23.63 4.59 0.97
C ALA A 323 -24.20 5.25 -0.33
N LYS A 324 -23.62 4.90 -1.49
CA LYS A 324 -24.07 5.41 -2.80
C LYS A 324 -23.74 6.91 -2.91
N LEU A 325 -22.53 7.32 -2.48
CA LEU A 325 -22.15 8.73 -2.51
C LEU A 325 -20.81 8.94 -3.20
N ASP A 326 -20.67 10.04 -3.94
CA ASP A 326 -19.33 10.51 -4.31
C ASP A 326 -18.66 11.05 -3.04
N LYS A 327 -17.32 11.02 -3.00
CA LYS A 327 -16.56 11.73 -1.97
C LYS A 327 -16.95 13.21 -1.83
N SER A 328 -17.31 13.84 -2.95
CA SER A 328 -17.72 15.26 -2.96
C SER A 328 -19.05 15.49 -2.22
N GLN A 329 -19.76 14.40 -1.96
CA GLN A 329 -21.07 14.47 -1.25
C GLN A 329 -20.96 14.50 0.28
N ILE A 330 -19.75 14.30 0.79
CA ILE A 330 -19.51 14.34 2.22
C ILE A 330 -19.43 15.78 2.74
N HIS A 331 -20.26 16.13 3.71
CA HIS A 331 -20.24 17.50 4.25
C HIS A 331 -19.23 17.71 5.41
N ASP A 332 -19.03 16.66 6.21
CA ASP A 332 -18.18 16.67 7.41
C ASP A 332 -17.34 15.38 7.46
N ILE A 333 -16.05 15.53 7.70
CA ILE A 333 -15.15 14.41 7.98
C ILE A 333 -14.67 14.56 9.43
N VAL A 334 -14.77 13.46 10.18
CA VAL A 334 -14.50 13.51 11.62
C VAL A 334 -13.40 12.50 11.90
N LEU A 335 -12.33 12.99 12.54
CA LEU A 335 -11.24 12.14 13.02
C LEU A 335 -11.39 11.65 14.47
N VAL A 336 -11.34 10.32 14.61
CA VAL A 336 -11.32 9.64 15.91
C VAL A 336 -10.16 8.65 15.90
N GLY A 337 -9.58 8.45 17.08
CA GLY A 337 -8.47 7.54 17.31
C GLY A 337 -7.17 8.31 17.35
N GLY A 338 -6.28 7.97 18.29
CA GLY A 338 -4.97 8.62 18.41
C GLY A 338 -4.17 8.64 17.13
N SER A 339 -4.22 7.55 16.37
CA SER A 339 -3.46 7.52 15.12
C SER A 339 -3.87 8.53 14.07
N THR A 340 -5.06 9.12 14.19
CA THR A 340 -5.48 10.17 13.23
C THR A 340 -4.74 11.48 13.47
N ARG A 341 -4.02 11.56 14.59
CA ARG A 341 -3.05 12.67 14.77
C ARG A 341 -1.83 12.60 13.89
N ILE A 342 -1.56 11.42 13.28
CA ILE A 342 -0.39 11.25 12.41
C ILE A 342 -0.48 12.18 11.17
N PRO A 343 0.44 13.17 11.04
CA PRO A 343 0.30 14.10 9.88
C PRO A 343 0.17 13.43 8.50
N LYS A 344 0.94 12.36 8.26
CA LYS A 344 0.84 11.63 7.00
C LYS A 344 -0.60 11.10 6.74
N ILE A 345 -1.27 10.60 7.79
CA ILE A 345 -2.66 10.12 7.70
C ILE A 345 -3.64 11.26 7.38
N GLN A 346 -3.49 12.35 8.12
CA GLN A 346 -4.32 13.52 7.85
C GLN A 346 -4.12 13.98 6.42
N LYS A 347 -2.85 14.12 6.00
CA LYS A 347 -2.50 14.51 4.62
C LYS A 347 -3.12 13.57 3.57
N LEU A 348 -2.94 12.25 3.72
CA LEU A 348 -3.57 11.22 2.89
C LEU A 348 -5.08 11.40 2.77
N LEU A 349 -5.73 11.70 3.90
CA LEU A 349 -7.18 11.77 3.91
C LEU A 349 -7.63 13.13 3.36
N GLN A 350 -6.94 14.21 3.75
CA GLN A 350 -7.28 15.53 3.21
C GLN A 350 -7.09 15.58 1.69
N ASP A 351 -6.03 14.96 1.17
CA ASP A 351 -5.80 14.88 -0.28
C ASP A 351 -6.84 14.04 -0.97
N PHE A 352 -7.18 12.91 -0.37
CA PHE A 352 -8.27 12.11 -0.90
C PHE A 352 -9.59 12.90 -1.09
N PHE A 353 -9.92 13.74 -0.11
CA PHE A 353 -11.11 14.54 -0.15
C PHE A 353 -10.81 15.89 -0.83
N ASN A 354 -9.86 15.87 -1.76
CA ASN A 354 -9.44 17.03 -2.56
C ASN A 354 -9.38 18.33 -1.77
N GLY A 355 -8.68 18.26 -0.65
CA GLY A 355 -8.35 19.44 0.16
C GLY A 355 -9.27 19.83 1.29
N LYS A 356 -10.44 19.21 1.36
CA LYS A 356 -11.42 19.51 2.42
C LYS A 356 -10.80 19.45 3.85
N GLU A 357 -11.12 20.46 4.66
CA GLU A 357 -10.72 20.53 6.07
C GLU A 357 -11.38 19.45 6.92
N LEU A 358 -10.60 18.87 7.83
CA LEU A 358 -11.04 17.78 8.72
C LEU A 358 -11.45 18.28 10.11
N ASN A 359 -12.53 17.70 10.69
CA ASN A 359 -12.86 17.93 12.13
C ASN A 359 -11.87 17.14 13.00
N LYS A 360 -10.95 17.85 13.63
CA LYS A 360 -9.79 17.28 14.29
C LYS A 360 -9.42 18.04 15.57
N SER A 361 -10.20 19.05 15.93
CA SER A 361 -9.84 19.93 17.08
C SER A 361 -10.07 19.25 18.44
N ILE A 362 -11.06 18.35 18.52
CA ILE A 362 -11.23 17.55 19.76
C ILE A 362 -10.19 16.41 19.77
N ASN A 363 -9.46 16.27 20.88
CA ASN A 363 -8.51 15.13 21.04
C ASN A 363 -9.17 13.83 20.53
N PRO A 364 -8.62 13.21 19.45
CA PRO A 364 -9.30 12.05 18.83
C PRO A 364 -9.36 10.83 19.76
N ASP A 365 -8.49 10.77 20.78
CA ASP A 365 -8.57 9.72 21.84
C ASP A 365 -9.84 9.92 22.68
N GLU A 366 -10.35 11.15 22.73
CA GLU A 366 -11.44 11.57 23.68
C GLU A 366 -12.83 11.92 23.08
N ALA A 367 -12.88 12.00 21.76
CA ALA A 367 -14.03 12.46 21.01
C ALA A 367 -15.26 11.59 21.20
N VAL A 368 -15.07 10.27 21.26
CA VAL A 368 -16.18 9.35 21.56
C VAL A 368 -16.82 9.61 22.94
N ALA A 369 -15.99 9.64 23.98
CA ALA A 369 -16.43 9.91 25.36
C ALA A 369 -17.06 11.31 25.42
N TYR A 370 -16.49 12.24 24.66
CA TYR A 370 -16.94 13.65 24.65
C TYR A 370 -18.41 13.70 24.21
N GLY A 371 -18.71 13.13 23.03
CA GLY A 371 -20.07 12.97 22.51
C GLY A 371 -21.02 12.18 23.39
N ALA A 372 -20.52 11.07 23.94
CA ALA A 372 -21.32 10.28 24.87
C ALA A 372 -21.75 11.13 26.11
N ALA A 373 -20.86 12.00 26.59
CA ALA A 373 -21.12 12.87 27.76
C ALA A 373 -22.18 13.94 27.44
N VAL A 374 -22.04 14.53 26.24
CA VAL A 374 -23.05 15.44 25.70
C VAL A 374 -24.43 14.79 25.67
N GLN A 375 -24.50 13.60 25.08
CA GLN A 375 -25.71 12.85 25.02
C GLN A 375 -26.26 12.38 26.40
N ALA A 376 -25.38 12.00 27.32
CA ALA A 376 -25.78 11.66 28.69
C ALA A 376 -26.57 12.80 29.30
N ALA A 377 -26.02 14.00 29.17
CA ALA A 377 -26.60 15.23 29.71
C ALA A 377 -28.02 15.54 29.12
N ILE A 378 -28.18 15.33 27.82
CA ILE A 378 -29.45 15.46 27.12
C ILE A 378 -30.47 14.50 27.73
N LEU A 379 -30.07 13.24 27.87
CA LEU A 379 -31.02 12.20 28.25
C LEU A 379 -31.47 12.34 29.69
N SER A 380 -30.64 12.94 30.53
CA SER A 380 -30.96 13.12 31.93
C SER A 380 -31.58 14.51 32.21
N GLY A 381 -31.82 15.27 31.14
CA GLY A 381 -32.41 16.61 31.21
C GLY A 381 -31.48 17.75 31.60
N ASP A 382 -30.18 17.47 31.72
CA ASP A 382 -29.19 18.48 32.13
C ASP A 382 -28.53 19.28 30.98
N LYS A 383 -29.05 19.12 29.75
CA LYS A 383 -28.64 19.93 28.59
C LYS A 383 -29.84 20.11 27.66
N LYS B 2 16.73 10.18 -50.04
CA LYS B 2 16.58 10.04 -48.55
C LYS B 2 16.14 8.61 -48.19
N GLY B 3 16.61 8.11 -47.04
CA GLY B 3 16.21 6.78 -46.54
C GLY B 3 15.06 6.89 -45.55
N PRO B 4 14.41 5.77 -45.22
CA PRO B 4 13.38 5.89 -44.17
C PRO B 4 13.99 5.95 -42.75
N ALA B 5 13.65 6.96 -41.95
CA ALA B 5 14.11 6.99 -40.54
C ALA B 5 13.06 6.42 -39.59
N VAL B 6 13.53 5.51 -38.72
CA VAL B 6 12.66 4.81 -37.81
C VAL B 6 12.89 5.28 -36.37
N GLY B 7 11.87 5.06 -35.53
CA GLY B 7 11.98 5.27 -34.11
C GLY B 7 12.01 3.94 -33.39
N ILE B 8 13.01 3.76 -32.55
CA ILE B 8 13.18 2.49 -31.80
C ILE B 8 13.16 2.74 -30.27
N ASP B 9 12.13 2.20 -29.63
CA ASP B 9 12.10 2.09 -28.18
C ASP B 9 12.89 0.81 -27.85
N LEU B 10 14.05 1.00 -27.21
CA LEU B 10 14.88 -0.16 -26.80
C LEU B 10 14.66 -0.40 -25.32
N GLY B 11 13.56 -1.09 -25.01
CA GLY B 11 13.06 -1.21 -23.62
C GLY B 11 13.75 -2.31 -22.82
N THR B 12 13.66 -2.18 -21.50
CA THR B 12 14.20 -3.17 -20.56
C THR B 12 13.65 -4.57 -20.90
N THR B 13 12.34 -4.69 -21.07
CA THR B 13 11.76 -6.04 -21.29
C THR B 13 11.34 -6.30 -22.75
N TYR B 14 10.86 -5.26 -23.44
CA TYR B 14 10.33 -5.39 -24.82
C TYR B 14 10.85 -4.24 -25.62
N SER B 15 11.06 -4.47 -26.92
CA SER B 15 11.41 -3.34 -27.79
C SER B 15 10.35 -3.13 -28.87
N CYS B 16 10.32 -1.95 -29.48
CA CYS B 16 9.23 -1.58 -30.37
C CYS B 16 9.82 -0.61 -31.42
N VAL B 17 9.43 -0.79 -32.69
CA VAL B 17 9.92 0.07 -33.78
C VAL B 17 8.74 0.66 -34.54
N GLY B 18 8.85 1.96 -34.79
CA GLY B 18 7.88 2.70 -35.56
C GLY B 18 8.49 3.48 -36.74
N VAL B 19 7.63 3.76 -37.70
CA VAL B 19 8.02 4.64 -38.78
C VAL B 19 6.93 5.73 -38.98
N PHE B 20 7.30 7.00 -39.02
CA PHE B 20 6.34 8.05 -39.45
C PHE B 20 6.35 8.16 -40.99
N GLN B 21 5.23 7.82 -41.64
CA GLN B 21 5.12 8.06 -43.07
C GLN B 21 3.76 8.66 -43.42
N HIS B 22 3.80 9.63 -44.34
CA HIS B 22 2.68 10.51 -44.66
C HIS B 22 1.65 10.80 -43.57
N GLY B 23 2.14 11.48 -42.54
CA GLY B 23 1.30 12.10 -41.52
C GLY B 23 0.81 11.14 -40.46
N LYS B 24 1.38 9.95 -40.46
CA LYS B 24 0.88 8.85 -39.67
C LYS B 24 2.09 7.99 -39.22
N VAL B 25 2.19 7.71 -37.92
CA VAL B 25 3.15 6.72 -37.39
C VAL B 25 2.60 5.32 -37.68
N GLU B 26 3.39 4.44 -38.30
CA GLU B 26 3.06 3.00 -38.28
C GLU B 26 3.97 2.26 -37.27
N ILE B 27 3.36 1.54 -36.34
CA ILE B 27 4.10 0.66 -35.42
C ILE B 27 4.23 -0.67 -36.12
N ILE B 28 5.44 -1.18 -36.27
CA ILE B 28 5.67 -2.32 -37.16
C ILE B 28 5.68 -3.70 -36.43
N ALA B 29 4.76 -4.58 -36.81
CA ALA B 29 4.73 -5.95 -36.31
C ALA B 29 5.95 -6.74 -36.81
N ASN B 30 6.43 -7.61 -35.95
CA ASN B 30 7.48 -8.56 -36.31
C ASN B 30 6.96 -9.75 -37.14
N ASP B 31 7.83 -10.71 -37.51
CA ASP B 31 7.38 -11.81 -38.39
C ASP B 31 6.41 -12.78 -37.74
N GLN B 32 6.38 -12.82 -36.40
CA GLN B 32 5.28 -13.49 -35.69
C GLN B 32 4.03 -12.62 -35.53
N GLY B 33 4.05 -11.41 -36.07
CA GLY B 33 2.87 -10.54 -35.96
C GLY B 33 2.77 -9.76 -34.65
N ASN B 34 3.85 -9.70 -33.87
CA ASN B 34 3.80 -8.99 -32.59
C ASN B 34 4.35 -7.55 -32.71
N ARG B 35 3.57 -6.55 -32.27
CA ARG B 35 3.99 -5.16 -32.40
C ARG B 35 5.11 -4.71 -31.41
N THR B 36 5.44 -5.57 -30.46
CA THR B 36 6.62 -5.46 -29.55
C THR B 36 7.38 -6.79 -29.65
N THR B 37 8.68 -6.75 -29.34
CA THR B 37 9.63 -7.87 -29.47
C THR B 37 10.39 -7.97 -28.14
N PRO B 38 10.40 -9.18 -27.51
CA PRO B 38 11.20 -9.31 -26.29
C PRO B 38 12.65 -8.96 -26.49
N SER B 39 13.20 -8.21 -25.54
CA SER B 39 14.61 -7.74 -25.56
C SER B 39 15.47 -8.90 -25.01
N TYR B 40 15.42 -9.99 -25.77
CA TYR B 40 15.96 -11.29 -25.35
C TYR B 40 16.90 -11.76 -26.46
N VAL B 41 18.02 -12.33 -26.06
CA VAL B 41 18.98 -13.01 -26.94
C VAL B 41 19.35 -14.36 -26.31
N ALA B 42 19.25 -15.43 -27.10
CA ALA B 42 19.65 -16.75 -26.63
C ALA B 42 20.71 -17.39 -27.55
N PHE B 43 21.57 -18.22 -26.91
CA PHE B 43 22.69 -18.94 -27.52
C PHE B 43 22.48 -20.44 -27.26
N THR B 44 22.33 -21.21 -28.34
CA THR B 44 22.19 -22.65 -28.26
C THR B 44 23.41 -23.39 -28.87
N ASP B 45 23.33 -24.73 -28.88
CA ASP B 45 24.30 -25.60 -29.57
C ASP B 45 24.46 -25.30 -31.08
N THR B 46 23.49 -24.61 -31.71
CA THR B 46 23.57 -24.25 -33.15
C THR B 46 23.26 -22.79 -33.55
N GLU B 47 22.52 -22.10 -32.69
CA GLU B 47 21.76 -20.90 -33.07
C GLU B 47 22.10 -19.77 -32.14
N ARG B 48 22.12 -18.56 -32.68
CA ARG B 48 21.81 -17.42 -31.84
C ARG B 48 20.41 -16.93 -32.20
N LEU B 49 19.59 -16.76 -31.18
CA LEU B 49 18.16 -16.52 -31.31
C LEU B 49 17.91 -15.14 -30.70
N ILE B 50 17.07 -14.32 -31.36
CA ILE B 50 16.74 -12.99 -30.85
C ILE B 50 15.22 -12.73 -30.86
N GLY B 51 14.75 -12.00 -29.86
CA GLY B 51 13.32 -11.74 -29.74
C GLY B 51 12.43 -12.88 -29.24
N ASP B 52 11.30 -13.08 -29.91
CA ASP B 52 10.29 -14.08 -29.55
C ASP B 52 10.90 -15.51 -29.50
N ALA B 53 11.70 -15.85 -30.50
CA ALA B 53 12.30 -17.18 -30.56
C ALA B 53 13.26 -17.43 -29.37
N ALA B 54 13.96 -16.39 -28.95
CA ALA B 54 14.78 -16.43 -27.74
C ALA B 54 13.92 -16.60 -26.47
N LYS B 55 12.92 -15.71 -26.31
CA LYS B 55 12.03 -15.85 -25.19
C LYS B 55 11.30 -17.21 -25.16
N ASN B 56 10.95 -17.76 -26.33
CA ASN B 56 10.21 -19.03 -26.46
C ASN B 56 10.92 -20.26 -25.86
N GLN B 57 12.26 -20.25 -25.80
CA GLN B 57 13.04 -21.41 -25.32
C GLN B 57 13.78 -21.15 -23.95
N VAL B 58 13.29 -20.16 -23.20
CA VAL B 58 13.98 -19.67 -22.00
C VAL B 58 13.92 -20.72 -20.83
N ALA B 59 12.85 -21.52 -20.76
CA ALA B 59 12.74 -22.53 -19.70
C ALA B 59 13.73 -23.68 -19.90
N MET B 60 14.02 -23.99 -21.17
CA MET B 60 14.92 -25.07 -21.58
C MET B 60 16.38 -24.64 -21.51
N ASN B 61 16.63 -23.33 -21.54
CA ASN B 61 17.98 -22.81 -21.75
C ASN B 61 18.31 -21.58 -20.91
N PRO B 62 18.03 -21.63 -19.58
CA PRO B 62 18.11 -20.44 -18.74
C PRO B 62 19.46 -19.74 -18.69
N THR B 63 20.56 -20.50 -18.72
CA THR B 63 21.84 -19.89 -18.37
C THR B 63 22.45 -19.24 -19.59
N ASN B 64 22.01 -19.64 -20.79
CA ASN B 64 22.47 -19.04 -22.08
C ASN B 64 21.45 -18.14 -22.82
N THR B 65 20.44 -17.70 -22.07
CA THR B 65 19.36 -16.85 -22.58
C THR B 65 19.50 -15.54 -21.78
N VAL B 66 19.84 -14.46 -22.47
CA VAL B 66 20.16 -13.17 -21.87
C VAL B 66 19.01 -12.18 -22.07
N PHE B 67 18.73 -11.45 -20.98
CA PHE B 67 17.72 -10.41 -20.97
C PHE B 67 18.22 -9.34 -19.95
N ASP B 68 17.48 -8.22 -19.83
CA ASP B 68 17.84 -7.17 -18.87
C ASP B 68 19.21 -6.54 -19.16
N ALA B 69 19.74 -6.66 -20.38
CA ALA B 69 21.03 -6.01 -20.75
C ALA B 69 21.01 -4.49 -20.53
N LYS B 70 19.80 -3.89 -20.61
CA LYS B 70 19.59 -2.45 -20.36
C LYS B 70 20.02 -2.04 -18.92
N ARG B 71 20.00 -3.02 -18.00
CA ARG B 71 20.34 -2.74 -16.57
C ARG B 71 21.87 -2.66 -16.41
N LEU B 72 22.57 -3.29 -17.35
CA LEU B 72 24.04 -3.34 -17.42
C LEU B 72 24.65 -2.26 -18.31
N ILE B 73 23.90 -1.84 -19.33
CA ILE B 73 24.46 -1.01 -20.40
C ILE B 73 25.14 0.29 -19.89
N GLY B 74 26.41 0.51 -20.26
CA GLY B 74 27.12 1.76 -19.90
C GLY B 74 27.59 1.79 -18.44
N ARG B 75 27.51 0.66 -17.75
CA ARG B 75 27.85 0.60 -16.34
C ARG B 75 29.19 -0.13 -16.10
N ARG B 76 29.81 0.21 -14.97
CA ARG B 76 31.02 -0.47 -14.50
C ARG B 76 30.67 -1.77 -13.80
N PHE B 77 31.53 -2.78 -13.92
CA PHE B 77 31.32 -4.07 -13.25
C PHE B 77 31.12 -3.96 -11.73
N ASP B 78 32.00 -3.18 -11.09
CA ASP B 78 31.94 -2.93 -9.65
C ASP B 78 30.89 -1.85 -9.29
N ASP B 79 30.09 -1.41 -10.27
CA ASP B 79 28.86 -0.62 -10.03
C ASP B 79 28.03 -1.41 -9.03
N ALA B 80 27.53 -0.71 -8.00
CA ALA B 80 26.69 -1.31 -6.98
C ALA B 80 25.47 -1.99 -7.61
N VAL B 81 24.74 -1.22 -8.41
CA VAL B 81 23.56 -1.69 -9.13
C VAL B 81 23.79 -2.98 -9.92
N VAL B 82 24.92 -3.08 -10.63
CA VAL B 82 25.33 -4.27 -11.35
C VAL B 82 25.49 -5.45 -10.36
N GLN B 83 26.11 -5.17 -9.20
CA GLN B 83 26.37 -6.21 -8.21
C GLN B 83 25.08 -6.79 -7.59
N SER B 84 24.14 -5.93 -7.15
CA SER B 84 22.78 -6.44 -6.76
C SER B 84 21.98 -7.15 -7.87
N ASP B 85 21.95 -6.57 -9.07
CA ASP B 85 21.19 -7.17 -10.19
C ASP B 85 21.65 -8.59 -10.55
N MET B 86 22.96 -8.76 -10.65
CA MET B 86 23.55 -10.06 -10.98
C MET B 86 23.00 -11.21 -10.16
N LYS B 87 22.73 -10.91 -8.90
CA LYS B 87 22.24 -11.93 -7.97
C LYS B 87 20.98 -12.62 -8.45
N HIS B 88 20.16 -11.91 -9.24
CA HIS B 88 18.89 -12.49 -9.66
C HIS B 88 18.80 -12.94 -11.11
N TRP B 89 19.92 -12.93 -11.81
CA TRP B 89 19.94 -13.40 -13.20
C TRP B 89 20.47 -14.83 -13.22
N PRO B 90 19.89 -15.71 -14.08
CA PRO B 90 20.36 -17.07 -14.33
C PRO B 90 21.62 -17.21 -15.22
N PHE B 91 21.92 -16.21 -16.05
CA PHE B 91 23.16 -16.18 -16.83
C PHE B 91 24.26 -15.49 -16.01
N MET B 92 25.52 -15.84 -16.31
CA MET B 92 26.71 -15.29 -15.66
C MET B 92 27.08 -13.90 -16.16
N VAL B 93 27.48 -13.03 -15.23
CA VAL B 93 28.19 -11.78 -15.54
C VAL B 93 29.61 -11.77 -14.94
N VAL B 94 30.58 -11.49 -15.81
CA VAL B 94 32.01 -11.50 -15.45
C VAL B 94 32.68 -10.13 -15.70
N ASN B 95 33.79 -9.88 -15.00
CA ASN B 95 34.54 -8.65 -15.17
C ASN B 95 35.61 -8.86 -16.23
N ASP B 96 35.71 -7.86 -17.11
CA ASP B 96 36.79 -7.78 -18.10
C ASP B 96 37.38 -6.37 -18.04
N ALA B 97 38.52 -6.24 -17.35
CA ALA B 97 39.24 -4.96 -17.14
C ALA B 97 38.38 -3.83 -16.53
N GLY B 98 37.42 -4.19 -15.69
CA GLY B 98 36.50 -3.21 -15.10
C GLY B 98 35.11 -3.17 -15.76
N ARG B 99 35.00 -3.73 -16.97
CA ARG B 99 33.74 -3.76 -17.74
C ARG B 99 32.97 -5.09 -17.54
N PRO B 100 31.62 -5.03 -17.31
CA PRO B 100 30.84 -6.28 -17.19
C PRO B 100 30.60 -6.90 -18.58
N LYS B 101 30.59 -8.22 -18.64
CA LYS B 101 30.28 -8.94 -19.87
C LYS B 101 29.38 -10.10 -19.48
N VAL B 102 28.38 -10.40 -20.29
CA VAL B 102 27.60 -11.60 -20.01
C VAL B 102 28.39 -12.73 -20.65
N GLN B 103 28.46 -13.86 -19.94
CA GLN B 103 29.17 -15.02 -20.45
C GLN B 103 28.16 -16.15 -20.63
N VAL B 104 28.24 -16.83 -21.77
CA VAL B 104 27.32 -17.91 -22.15
C VAL B 104 28.09 -19.07 -22.82
N GLU B 105 27.37 -20.17 -23.02
CA GLU B 105 27.83 -21.22 -23.92
C GLU B 105 27.10 -21.07 -25.24
N TYR B 106 27.89 -21.05 -26.32
CA TYR B 106 27.38 -20.93 -27.67
C TYR B 106 28.20 -21.87 -28.53
N LYS B 107 27.52 -22.91 -29.04
CA LYS B 107 28.11 -23.98 -29.88
C LYS B 107 29.25 -24.76 -29.18
N GLY B 108 29.03 -25.09 -27.91
CA GLY B 108 29.98 -25.80 -27.06
C GLY B 108 31.11 -24.95 -26.50
N GLU B 109 31.16 -23.68 -26.94
CA GLU B 109 32.26 -22.77 -26.57
C GLU B 109 31.79 -21.70 -25.63
N THR B 110 32.67 -21.35 -24.69
CA THR B 110 32.41 -20.21 -23.83
C THR B 110 32.66 -18.88 -24.58
N LYS B 111 31.60 -18.07 -24.72
CA LYS B 111 31.67 -16.68 -25.25
C LYS B 111 31.14 -15.63 -24.24
N SER B 112 31.68 -14.41 -24.34
CA SER B 112 31.30 -13.28 -23.49
C SER B 112 30.86 -12.07 -24.35
N PHE B 113 29.85 -11.32 -23.92
CA PHE B 113 29.44 -10.13 -24.68
C PHE B 113 29.29 -8.92 -23.79
N TYR B 114 29.73 -7.77 -24.27
CA TYR B 114 29.46 -6.52 -23.55
C TYR B 114 27.96 -6.22 -23.62
N PRO B 115 27.42 -5.49 -22.62
CA PRO B 115 25.97 -5.20 -22.63
C PRO B 115 25.55 -4.60 -23.99
N GLU B 116 26.37 -3.67 -24.51
CA GLU B 116 26.03 -2.97 -25.77
C GLU B 116 26.03 -3.90 -26.98
N GLU B 117 26.85 -4.94 -26.96
CA GLU B 117 26.80 -5.92 -28.03
C GLU B 117 25.48 -6.76 -27.93
N VAL B 118 25.06 -7.09 -26.72
CA VAL B 118 23.74 -7.73 -26.52
C VAL B 118 22.58 -6.81 -27.00
N SER B 119 22.56 -5.56 -26.56
CA SER B 119 21.60 -4.57 -27.11
C SER B 119 21.69 -4.33 -28.64
N SER B 120 22.90 -4.38 -29.22
CA SER B 120 23.06 -4.26 -30.68
C SER B 120 22.34 -5.41 -31.40
N MET B 121 22.31 -6.59 -30.77
CA MET B 121 21.58 -7.75 -31.39
C MET B 121 20.08 -7.51 -31.40
N VAL B 122 19.58 -6.90 -30.30
CA VAL B 122 18.16 -6.57 -30.22
C VAL B 122 17.86 -5.49 -31.26
N LEU B 123 18.71 -4.45 -31.32
CA LEU B 123 18.64 -3.42 -32.39
C LEU B 123 18.73 -3.97 -33.84
N THR B 124 19.52 -5.03 -34.03
CA THR B 124 19.61 -5.69 -35.36
C THR B 124 18.27 -6.30 -35.73
N LYS B 125 17.64 -6.96 -34.76
CA LYS B 125 16.28 -7.48 -34.92
C LYS B 125 15.25 -6.39 -35.26
N MET B 126 15.26 -5.25 -34.53
CA MET B 126 14.27 -4.17 -34.78
C MET B 126 14.44 -3.55 -36.16
N LYS B 127 15.70 -3.41 -36.56
CA LYS B 127 16.07 -2.98 -37.90
C LYS B 127 15.56 -3.98 -38.94
N GLU B 128 15.83 -5.27 -38.76
CA GLU B 128 15.29 -6.25 -39.71
C GLU B 128 13.75 -6.23 -39.76
N ILE B 129 13.11 -6.04 -38.60
CA ILE B 129 11.64 -5.88 -38.50
C ILE B 129 11.15 -4.77 -39.42
N ALA B 130 11.72 -3.57 -39.24
CA ALA B 130 11.35 -2.45 -40.11
C ALA B 130 11.63 -2.73 -41.65
N GLU B 131 12.78 -3.34 -41.95
CA GLU B 131 13.16 -3.74 -43.33
C GLU B 131 12.19 -4.72 -43.98
N ALA B 132 11.73 -5.74 -43.22
CA ALA B 132 10.69 -6.67 -43.65
C ALA B 132 9.40 -5.97 -44.00
N TYR B 133 9.02 -4.96 -43.21
CA TYR B 133 7.77 -4.28 -43.49
C TYR B 133 7.91 -3.29 -44.67
N LEU B 134 8.99 -2.51 -44.65
CA LEU B 134 9.20 -1.45 -45.66
C LEU B 134 9.75 -1.96 -47.00
N GLY B 135 10.35 -3.16 -47.05
CA GLY B 135 11.03 -3.65 -48.29
C GLY B 135 12.22 -2.83 -48.84
N LYS B 136 12.84 -2.04 -47.94
CA LYS B 136 13.97 -1.16 -48.20
C LYS B 136 14.89 -1.28 -47.00
N THR B 137 16.18 -0.95 -47.23
CA THR B 137 17.18 -0.84 -46.18
C THR B 137 16.86 0.29 -45.20
N VAL B 138 16.98 -0.03 -43.92
CA VAL B 138 16.81 0.96 -42.88
C VAL B 138 18.13 1.22 -42.15
N THR B 139 18.58 2.48 -42.18
CA THR B 139 19.85 2.82 -41.56
C THR B 139 19.62 3.88 -40.47
N ASN B 140 18.78 4.87 -40.75
CA ASN B 140 18.66 6.02 -39.80
C ASN B 140 17.64 5.75 -38.72
N ALA B 141 18.02 6.02 -37.47
CA ALA B 141 17.11 5.76 -36.35
C ALA B 141 17.28 6.77 -35.20
N VAL B 142 16.18 7.04 -34.52
CA VAL B 142 16.26 7.66 -33.21
C VAL B 142 15.99 6.53 -32.22
N VAL B 143 16.81 6.46 -31.17
CA VAL B 143 16.70 5.43 -30.18
C VAL B 143 16.46 6.18 -28.84
N THR B 144 15.57 5.60 -28.03
CA THR B 144 15.21 6.15 -26.74
C THR B 144 15.95 5.50 -25.56
N VAL B 145 16.06 6.28 -24.48
CA VAL B 145 16.69 5.89 -23.22
C VAL B 145 15.92 6.56 -22.07
N PRO B 146 16.04 6.01 -20.85
CA PRO B 146 15.40 6.66 -19.70
C PRO B 146 16.02 8.02 -19.40
N ALA B 147 15.17 8.98 -19.03
CA ALA B 147 15.65 10.31 -18.66
C ALA B 147 16.85 10.30 -17.67
N TYR B 148 16.97 9.27 -16.85
CA TYR B 148 17.98 9.21 -15.80
C TYR B 148 19.29 8.66 -16.28
N PHE B 149 19.32 8.20 -17.53
CA PHE B 149 20.54 7.72 -18.16
C PHE B 149 21.59 8.81 -18.23
N ASN B 150 22.80 8.47 -17.78
CA ASN B 150 23.93 9.39 -17.78
C ASN B 150 24.65 9.29 -19.15
N ASP B 151 25.80 9.96 -19.29
CA ASP B 151 26.50 10.06 -20.56
C ASP B 151 26.99 8.72 -20.99
N SER B 152 27.55 7.99 -20.04
CA SER B 152 28.10 6.68 -20.30
C SER B 152 27.01 5.67 -20.83
N GLN B 153 25.84 5.64 -20.17
CA GLN B 153 24.70 4.81 -20.60
C GLN B 153 24.17 5.21 -22.01
N ARG B 154 24.06 6.52 -22.20
CA ARG B 154 23.64 7.06 -23.49
C ARG B 154 24.65 6.72 -24.63
N GLN B 155 25.93 6.93 -24.37
CA GLN B 155 26.96 6.59 -25.34
C GLN B 155 26.94 5.12 -25.69
N ALA B 156 26.78 4.25 -24.68
CA ALA B 156 26.77 2.81 -24.94
C ALA B 156 25.51 2.42 -25.73
N THR B 157 24.41 3.15 -25.53
CA THR B 157 23.17 2.89 -26.31
C THR B 157 23.45 3.24 -27.78
N LYS B 158 24.08 4.41 -28.00
CA LYS B 158 24.59 4.84 -29.34
C LYS B 158 25.49 3.79 -29.96
N ASP B 159 26.48 3.36 -29.18
CA ASP B 159 27.39 2.27 -29.61
C ASP B 159 26.70 0.98 -30.04
N ALA B 160 25.62 0.59 -29.34
CA ALA B 160 24.87 -0.61 -29.69
C ALA B 160 24.24 -0.43 -31.06
N GLY B 161 23.61 0.72 -31.25
CA GLY B 161 23.10 1.23 -32.53
C GLY B 161 24.15 1.17 -33.63
N THR B 162 25.35 1.72 -33.36
CA THR B 162 26.43 1.68 -34.38
C THR B 162 26.85 0.24 -34.76
N ILE B 163 27.07 -0.61 -33.75
CA ILE B 163 27.44 -2.04 -33.97
C ILE B 163 26.42 -2.77 -34.80
N ALA B 164 25.15 -2.42 -34.62
CA ALA B 164 24.02 -2.86 -35.46
C ALA B 164 23.94 -2.30 -36.91
N GLY B 165 24.84 -1.40 -37.28
CA GLY B 165 24.77 -0.79 -38.62
C GLY B 165 23.80 0.38 -38.71
N LEU B 166 23.21 0.79 -37.57
CA LEU B 166 22.33 1.98 -37.57
C LEU B 166 23.19 3.23 -37.52
N ASN B 167 22.69 4.29 -38.17
CA ASN B 167 23.18 5.65 -37.94
C ASN B 167 22.18 6.26 -36.95
N VAL B 168 22.60 6.34 -35.70
CA VAL B 168 21.67 6.82 -34.69
C VAL B 168 21.64 8.33 -34.84
N LEU B 169 20.54 8.86 -35.37
CA LEU B 169 20.40 10.30 -35.54
C LEU B 169 20.48 11.03 -34.21
N ARG B 170 19.76 10.54 -33.20
CA ARG B 170 19.73 11.17 -31.87
C ARG B 170 19.25 10.17 -30.83
N ILE B 171 19.81 10.28 -29.62
CA ILE B 171 19.28 9.62 -28.41
C ILE B 171 18.35 10.62 -27.72
N ILE B 172 17.07 10.26 -27.61
CA ILE B 172 16.10 11.11 -26.90
C ILE B 172 15.49 10.37 -25.68
N ASN B 173 15.08 11.14 -24.67
CA ASN B 173 14.50 10.54 -23.48
C ASN B 173 13.13 9.93 -23.75
N GLU B 174 12.85 8.85 -23.03
CA GLU B 174 11.56 8.13 -23.18
C GLU B 174 10.38 9.02 -22.82
N PRO B 175 10.47 9.74 -21.70
CA PRO B 175 9.42 10.72 -21.38
C PRO B 175 9.20 11.86 -22.44
N THR B 176 10.30 12.39 -22.98
CA THR B 176 10.26 13.30 -24.13
C THR B 176 9.48 12.66 -25.31
N ALA B 177 9.87 11.43 -25.70
CA ALA B 177 9.23 10.68 -26.80
C ALA B 177 7.73 10.58 -26.62
N ALA B 178 7.32 10.27 -25.39
CA ALA B 178 5.90 10.09 -25.04
C ALA B 178 5.10 11.41 -25.19
N ALA B 179 5.70 12.52 -24.78
CA ALA B 179 5.12 13.89 -24.86
C ALA B 179 5.03 14.32 -26.35
N ILE B 180 6.08 14.06 -27.13
CA ILE B 180 6.03 14.24 -28.58
C ILE B 180 4.91 13.42 -29.26
N ALA B 181 4.73 12.16 -28.84
CA ALA B 181 3.69 11.33 -29.43
C ALA B 181 2.32 12.02 -29.34
N TYR B 182 2.06 12.68 -28.21
CA TYR B 182 0.75 13.26 -27.93
C TYR B 182 0.66 14.74 -28.43
N GLY B 183 1.70 15.20 -29.10
CA GLY B 183 1.73 16.51 -29.75
C GLY B 183 1.82 17.63 -28.73
N LEU B 184 2.35 17.29 -27.56
CA LEU B 184 2.31 18.19 -26.40
C LEU B 184 3.18 19.45 -26.52
N ASP B 185 4.20 19.36 -27.38
CA ASP B 185 5.16 20.42 -27.60
C ASP B 185 4.65 21.42 -28.69
N LYS B 186 3.63 21.04 -29.44
CA LYS B 186 3.08 21.86 -30.54
C LYS B 186 1.76 22.58 -30.14
N LYS B 187 1.48 22.62 -28.84
CA LYS B 187 0.30 23.31 -28.35
C LYS B 187 0.54 24.79 -28.20
N VAL B 188 -0.45 25.59 -28.60
CA VAL B 188 -0.37 27.07 -28.53
C VAL B 188 -0.53 27.56 -27.08
N GLY B 189 0.59 27.92 -26.45
CA GLY B 189 0.62 28.35 -25.06
C GLY B 189 2.07 28.70 -24.78
N ALA B 190 2.38 29.25 -23.63
CA ALA B 190 3.75 29.52 -23.27
C ALA B 190 4.28 28.20 -22.75
N GLU B 191 4.01 27.97 -21.48
CA GLU B 191 4.51 26.83 -20.76
C GLU B 191 3.47 25.73 -20.66
N ARG B 192 3.93 24.48 -20.70
CA ARG B 192 3.10 23.38 -20.24
C ARG B 192 3.85 22.27 -19.51
N ASN B 193 3.26 21.91 -18.37
CA ASN B 193 3.81 20.97 -17.41
C ASN B 193 3.23 19.58 -17.69
N VAL B 194 4.16 18.63 -17.88
CA VAL B 194 3.75 17.27 -18.26
C VAL B 194 4.24 16.21 -17.29
N LEU B 195 3.30 15.40 -16.81
CA LEU B 195 3.68 14.27 -15.97
C LEU B 195 3.55 12.97 -16.78
N ILE B 196 4.65 12.24 -16.87
CA ILE B 196 4.70 10.96 -17.59
C ILE B 196 4.71 9.84 -16.55
N PHE B 197 3.68 9.01 -16.54
CA PHE B 197 3.57 7.91 -15.59
C PHE B 197 3.79 6.64 -16.47
N ASP B 198 4.95 6.08 -16.28
CA ASP B 198 5.48 4.99 -17.13
C ASP B 198 5.71 3.73 -16.27
N LEU B 199 4.76 2.82 -16.33
CA LEU B 199 4.79 1.58 -15.59
C LEU B 199 5.04 0.45 -16.62
N GLY B 200 6.33 0.12 -16.80
CA GLY B 200 6.81 -0.83 -17.81
C GLY B 200 6.82 -2.24 -17.26
N GLY B 201 7.26 -3.22 -18.04
CA GLY B 201 7.38 -4.60 -17.61
C GLY B 201 8.32 -4.77 -16.41
N GLY B 202 9.39 -3.97 -16.33
CA GLY B 202 10.31 -4.20 -15.20
C GLY B 202 10.68 -2.93 -14.41
N THR B 203 10.20 -1.78 -14.82
CA THR B 203 10.64 -0.53 -14.21
C THR B 203 9.47 0.42 -14.17
N PHE B 204 9.44 1.26 -13.11
CA PHE B 204 8.43 2.28 -12.96
C PHE B 204 9.12 3.66 -12.96
N ASP B 205 8.71 4.51 -13.90
CA ASP B 205 9.33 5.85 -14.07
C ASP B 205 8.29 6.96 -14.00
N VAL B 206 8.47 7.90 -13.07
CA VAL B 206 7.68 9.12 -13.13
C VAL B 206 8.60 10.26 -13.49
N SER B 207 8.15 11.05 -14.47
CA SER B 207 8.90 12.21 -14.94
C SER B 207 7.98 13.42 -15.06
N ILE B 208 8.47 14.57 -14.62
CA ILE B 208 7.81 15.81 -14.96
C ILE B 208 8.68 16.67 -15.89
N LEU B 209 8.06 17.12 -16.98
CA LEU B 209 8.67 17.98 -17.96
C LEU B 209 7.99 19.33 -18.06
N THR B 210 8.80 20.36 -18.14
CA THR B 210 8.33 21.68 -18.46
C THR B 210 8.82 21.94 -19.86
N ILE B 211 7.88 21.84 -20.79
CA ILE B 211 8.11 22.09 -22.18
C ILE B 211 7.84 23.59 -22.43
N GLU B 212 8.86 24.26 -22.96
CA GLU B 212 8.75 25.65 -23.32
C GLU B 212 9.91 26.05 -24.22
N ASP B 213 9.59 26.76 -25.31
CA ASP B 213 10.59 27.34 -26.19
C ASP B 213 11.34 26.20 -26.87
N GLY B 214 10.58 25.21 -27.33
CA GLY B 214 11.14 23.98 -27.85
C GLY B 214 11.54 23.08 -26.71
N ILE B 215 12.36 23.61 -25.79
CA ILE B 215 12.99 22.89 -24.63
C ILE B 215 12.05 22.04 -23.73
N PHE B 216 12.36 20.73 -23.62
CA PHE B 216 11.74 19.81 -22.65
C PHE B 216 12.64 19.75 -21.42
N GLU B 217 12.50 20.67 -20.47
CA GLU B 217 13.31 20.60 -19.26
C GLU B 217 12.77 19.44 -18.42
N VAL B 218 13.68 18.62 -17.93
CA VAL B 218 13.35 17.58 -16.97
C VAL B 218 13.33 18.18 -15.57
N LYS B 219 12.15 18.67 -15.19
CA LYS B 219 11.91 19.21 -13.85
C LYS B 219 12.19 18.21 -12.69
N SER B 220 11.74 16.96 -12.86
CA SER B 220 12.04 15.91 -11.88
C SER B 220 11.81 14.52 -12.46
N THR B 221 12.50 13.53 -11.85
CA THR B 221 12.25 12.12 -12.11
C THR B 221 12.11 11.36 -10.78
N ALA B 222 11.25 10.34 -10.76
CA ALA B 222 11.09 9.49 -9.59
C ALA B 222 10.81 8.05 -10.09
N GLY B 223 10.60 7.11 -9.19
CA GLY B 223 9.95 5.83 -9.59
C GLY B 223 10.60 4.72 -8.82
N ASP B 224 10.61 3.53 -9.41
CA ASP B 224 11.22 2.33 -8.83
C ASP B 224 11.74 1.47 -9.99
N THR B 225 13.04 1.22 -10.03
CA THR B 225 13.69 0.52 -11.16
C THR B 225 13.51 -1.00 -11.08
N HIS B 226 12.85 -1.47 -10.02
CA HIS B 226 12.53 -2.90 -9.81
C HIS B 226 11.04 -3.09 -9.51
N LEU B 227 10.23 -2.18 -10.00
CA LEU B 227 8.79 -2.34 -10.03
C LEU B 227 8.27 -2.26 -11.42
N GLY B 228 7.63 -3.33 -11.85
CA GLY B 228 6.89 -3.29 -13.10
C GLY B 228 5.84 -4.39 -13.22
N GLY B 229 5.20 -4.43 -14.39
CA GLY B 229 4.16 -5.40 -14.71
C GLY B 229 4.54 -6.84 -14.37
N GLU B 230 5.81 -7.20 -14.54
CA GLU B 230 6.27 -8.57 -14.13
C GLU B 230 6.06 -8.89 -12.63
N ASP B 231 6.05 -7.86 -11.76
CA ASP B 231 5.84 -8.09 -10.32
C ASP B 231 4.38 -8.52 -10.07
N PHE B 232 3.45 -7.93 -10.82
CA PHE B 232 2.04 -8.35 -10.76
C PHE B 232 1.89 -9.78 -11.30
N ASP B 233 2.59 -10.10 -12.40
CA ASP B 233 2.55 -11.46 -12.97
C ASP B 233 3.03 -12.50 -11.97
N ASN B 234 4.11 -12.18 -11.27
CA ASN B 234 4.61 -13.01 -10.13
C ASN B 234 3.65 -13.34 -9.04
N ARG B 235 2.96 -12.32 -8.54
CA ARG B 235 1.94 -12.54 -7.55
C ARG B 235 0.82 -13.41 -8.06
N MET B 236 0.47 -13.25 -9.34
CA MET B 236 -0.50 -14.18 -9.96
C MET B 236 0.04 -15.59 -10.08
N VAL B 237 1.31 -15.72 -10.48
CA VAL B 237 1.94 -17.01 -10.65
C VAL B 237 1.98 -17.72 -9.30
N ASN B 238 2.37 -17.03 -8.23
CA ASN B 238 2.42 -17.67 -6.90
C ASN B 238 1.00 -18.04 -6.42
N HIS B 239 0.05 -17.17 -6.69
CA HIS B 239 -1.35 -17.45 -6.42
C HIS B 239 -1.80 -18.77 -7.08
N PHE B 240 -1.35 -19.01 -8.32
CA PHE B 240 -1.79 -20.23 -9.02
C PHE B 240 -1.00 -21.42 -8.64
N ILE B 241 0.27 -21.21 -8.28
CA ILE B 241 1.09 -22.30 -7.70
C ILE B 241 0.45 -22.83 -6.42
N ALA B 242 0.10 -21.92 -5.52
CA ALA B 242 -0.66 -22.28 -4.30
C ALA B 242 -2.02 -23.01 -4.59
N GLU B 243 -2.73 -22.55 -5.62
CA GLU B 243 -3.95 -23.24 -6.08
C GLU B 243 -3.74 -24.68 -6.57
N PHE B 244 -2.74 -24.88 -7.42
CA PHE B 244 -2.44 -26.21 -7.94
C PHE B 244 -2.08 -27.17 -6.80
N LYS B 245 -1.33 -26.64 -5.84
CA LYS B 245 -0.88 -27.40 -4.67
C LYS B 245 -2.04 -27.89 -3.79
N ARG B 246 -2.97 -26.98 -3.44
CA ARG B 246 -4.22 -27.38 -2.73
C ARG B 246 -5.04 -28.44 -3.53
N LYS B 247 -5.20 -28.25 -4.82
CA LYS B 247 -5.98 -29.21 -5.61
C LYS B 247 -5.30 -30.55 -5.90
N HIS B 248 -3.98 -30.57 -6.05
CA HIS B 248 -3.32 -31.80 -6.55
C HIS B 248 -2.17 -32.27 -5.66
N LYS B 249 -1.95 -31.56 -4.56
CA LYS B 249 -0.92 -31.94 -3.62
C LYS B 249 0.45 -32.05 -4.34
N LYS B 250 0.71 -31.11 -5.26
CA LYS B 250 1.96 -31.05 -6.03
C LYS B 250 2.46 -29.62 -5.93
N ASP B 251 3.77 -29.50 -5.68
CA ASP B 251 4.47 -28.27 -5.81
C ASP B 251 5.14 -28.32 -7.16
N ILE B 252 4.69 -27.47 -8.08
CA ILE B 252 5.24 -27.44 -9.44
C ILE B 252 6.45 -26.50 -9.56
N SER B 253 6.79 -25.81 -8.47
CA SER B 253 7.58 -24.57 -8.56
C SER B 253 9.01 -24.76 -9.10
N GLU B 254 9.60 -25.92 -8.81
CA GLU B 254 10.90 -26.28 -9.36
C GLU B 254 10.86 -26.82 -10.79
N ASN B 255 9.68 -27.06 -11.35
CA ASN B 255 9.52 -27.43 -12.76
C ASN B 255 9.47 -26.19 -13.70
N LYS B 256 10.50 -26.02 -14.54
CA LYS B 256 10.71 -24.76 -15.26
C LYS B 256 9.72 -24.55 -16.39
N ARG B 257 9.45 -25.60 -17.17
CA ARG B 257 8.49 -25.50 -18.27
C ARG B 257 7.10 -25.18 -17.71
N ALA B 258 6.70 -25.87 -16.63
CA ALA B 258 5.38 -25.66 -16.04
C ALA B 258 5.22 -24.23 -15.51
N VAL B 259 6.21 -23.74 -14.75
CA VAL B 259 6.14 -22.37 -14.24
C VAL B 259 6.13 -21.32 -15.37
N ARG B 260 6.90 -21.57 -16.43
CA ARG B 260 7.02 -20.63 -17.54
C ARG B 260 5.71 -20.59 -18.31
N ARG B 261 5.09 -21.77 -18.45
CA ARG B 261 3.81 -21.89 -19.12
C ARG B 261 2.71 -21.22 -18.30
N LEU B 262 2.72 -21.44 -16.98
CA LEU B 262 1.81 -20.76 -16.09
C LEU B 262 2.04 -19.25 -16.14
N ARG B 263 3.30 -18.80 -16.14
CA ARG B 263 3.60 -17.37 -16.19
C ARG B 263 3.09 -16.70 -17.48
N THR B 264 3.28 -17.37 -18.61
CA THR B 264 2.80 -16.84 -19.88
C THR B 264 1.28 -16.70 -19.81
N ALA B 265 0.59 -17.73 -19.27
CA ALA B 265 -0.87 -17.66 -19.09
C ALA B 265 -1.25 -16.51 -18.16
N CYS B 266 -0.46 -16.27 -17.12
CA CYS B 266 -0.71 -15.09 -16.24
C CYS B 266 -0.52 -13.73 -16.89
N GLU B 267 0.56 -13.58 -17.67
CA GLU B 267 0.80 -12.37 -18.52
C GLU B 267 -0.41 -12.06 -19.40
N ARG B 268 -0.90 -13.10 -20.08
CA ARG B 268 -2.05 -12.98 -20.94
C ARG B 268 -3.36 -12.71 -20.15
N ALA B 269 -3.59 -13.43 -19.05
CA ALA B 269 -4.69 -13.06 -18.12
C ALA B 269 -4.66 -11.56 -17.69
N LYS B 270 -3.52 -11.04 -17.26
CA LYS B 270 -3.45 -9.63 -16.78
C LYS B 270 -3.87 -8.66 -17.90
N ARG B 271 -3.39 -8.92 -19.12
CA ARG B 271 -3.83 -8.07 -20.28
C ARG B 271 -5.34 -8.14 -20.47
N THR B 272 -5.89 -9.36 -20.47
CA THR B 272 -7.34 -9.63 -20.58
C THR B 272 -8.17 -8.90 -19.51
N LEU B 273 -7.64 -8.89 -18.29
CA LEU B 273 -8.26 -8.22 -17.16
C LEU B 273 -8.33 -6.68 -17.28
N SER B 274 -7.55 -6.09 -18.19
CA SER B 274 -7.73 -4.65 -18.47
C SER B 274 -9.02 -4.31 -19.26
N SER B 275 -9.66 -5.28 -19.90
CA SER B 275 -10.92 -4.98 -20.58
C SER B 275 -12.03 -6.01 -20.38
N SER B 276 -11.76 -6.97 -19.51
CA SER B 276 -12.79 -7.89 -19.14
C SER B 276 -12.70 -8.08 -17.61
N THR B 277 -13.82 -8.36 -16.95
CA THR B 277 -13.91 -8.45 -15.48
C THR B 277 -13.44 -9.86 -14.94
N GLN B 278 -13.08 -10.76 -15.84
CA GLN B 278 -12.57 -12.10 -15.50
C GLN B 278 -11.66 -12.61 -16.61
N ALA B 279 -10.68 -13.44 -16.23
CA ALA B 279 -9.84 -14.15 -17.20
C ALA B 279 -9.74 -15.68 -16.98
N SER B 280 -9.80 -16.47 -18.03
CA SER B 280 -9.60 -17.95 -17.97
C SER B 280 -8.12 -18.33 -18.08
N ILE B 281 -7.71 -19.27 -17.25
CA ILE B 281 -6.40 -19.91 -17.35
C ILE B 281 -6.70 -21.31 -17.80
N GLU B 282 -6.17 -21.67 -18.96
CA GLU B 282 -6.46 -22.93 -19.61
C GLU B 282 -5.14 -23.49 -20.10
N ILE B 283 -4.55 -24.38 -19.29
CA ILE B 283 -3.28 -24.99 -19.66
C ILE B 283 -3.46 -26.50 -19.69
N ASP B 284 -3.17 -27.11 -20.85
CA ASP B 284 -3.22 -28.56 -20.92
C ASP B 284 -1.94 -29.16 -20.41
N SER B 285 -2.09 -30.24 -19.65
CA SER B 285 -0.93 -30.95 -19.11
C SER B 285 0.14 -30.03 -18.52
N LEU B 286 -0.28 -29.20 -17.57
CA LEU B 286 0.65 -28.30 -16.96
C LEU B 286 1.79 -29.10 -16.29
N TYR B 287 1.42 -30.21 -15.67
CA TYR B 287 2.30 -30.91 -14.72
C TYR B 287 1.83 -32.35 -14.58
N GLU B 288 2.70 -33.28 -14.95
CA GLU B 288 2.38 -34.70 -14.94
C GLU B 288 1.10 -35.01 -15.68
N GLY B 289 0.86 -34.35 -16.82
CA GLY B 289 -0.30 -34.71 -17.63
C GLY B 289 -1.60 -34.13 -17.14
N ILE B 290 -1.52 -33.41 -16.02
CA ILE B 290 -2.67 -32.85 -15.29
C ILE B 290 -3.04 -31.46 -15.88
N ASP B 291 -4.26 -31.29 -16.39
CA ASP B 291 -4.65 -30.02 -16.99
C ASP B 291 -4.96 -29.06 -15.86
N PHE B 292 -4.83 -27.77 -16.13
CA PHE B 292 -5.11 -26.73 -15.11
C PHE B 292 -5.98 -25.69 -15.75
N TYR B 293 -7.31 -25.90 -15.55
CA TYR B 293 -8.36 -24.99 -16.00
C TYR B 293 -8.97 -24.26 -14.81
N THR B 294 -8.77 -22.94 -14.78
CA THR B 294 -9.32 -22.10 -13.72
C THR B 294 -9.56 -20.72 -14.28
N SER B 295 -9.71 -19.73 -13.40
CA SER B 295 -10.00 -18.39 -13.80
C SER B 295 -9.59 -17.54 -12.61
N ILE B 296 -9.62 -16.23 -12.84
CA ILE B 296 -9.43 -15.23 -11.83
C ILE B 296 -10.28 -14.06 -12.27
N THR B 297 -10.85 -13.37 -11.29
CA THR B 297 -11.68 -12.19 -11.50
C THR B 297 -10.77 -10.95 -11.45
N ARG B 298 -11.22 -9.86 -12.09
CA ARG B 298 -10.54 -8.56 -12.02
C ARG B 298 -10.42 -8.15 -10.55
N ALA B 299 -11.44 -8.48 -9.74
CA ALA B 299 -11.39 -8.06 -8.31
C ALA B 299 -10.22 -8.76 -7.60
N ARG B 300 -10.05 -10.07 -7.85
CA ARG B 300 -9.06 -10.84 -7.11
C ARG B 300 -7.65 -10.40 -7.55
N PHE B 301 -7.47 -10.22 -8.85
CA PHE B 301 -6.25 -9.59 -9.42
C PHE B 301 -5.86 -8.25 -8.73
N GLU B 302 -6.83 -7.35 -8.59
CA GLU B 302 -6.65 -6.06 -7.90
C GLU B 302 -6.23 -6.23 -6.45
N GLU B 303 -6.87 -7.18 -5.76
CA GLU B 303 -6.65 -7.47 -4.34
C GLU B 303 -5.27 -8.06 -4.17
N LEU B 304 -4.88 -8.93 -5.10
CA LEU B 304 -3.54 -9.53 -5.08
C LEU B 304 -2.45 -8.49 -5.11
N ASN B 305 -2.69 -7.39 -5.81
CA ASN B 305 -1.69 -6.40 -6.08
C ASN B 305 -1.97 -5.02 -5.48
N ALA B 306 -2.88 -4.97 -4.50
CA ALA B 306 -3.45 -3.71 -4.03
C ALA B 306 -2.38 -2.76 -3.48
N ASP B 307 -1.48 -3.28 -2.67
CA ASP B 307 -0.39 -2.45 -2.09
C ASP B 307 0.52 -1.89 -3.23
N LEU B 308 0.93 -2.75 -4.16
CA LEU B 308 1.70 -2.29 -5.34
C LEU B 308 1.03 -1.17 -6.14
N PHE B 309 -0.27 -1.29 -6.44
CA PHE B 309 -0.99 -0.28 -7.23
C PHE B 309 -1.01 1.08 -6.49
N ARG B 310 -1.47 1.06 -5.24
CA ARG B 310 -1.58 2.28 -4.39
C ARG B 310 -0.24 2.99 -4.25
N GLY B 311 0.79 2.16 -4.06
CA GLY B 311 2.22 2.52 -3.96
C GLY B 311 2.79 3.39 -5.08
N THR B 312 2.19 3.34 -6.27
CA THR B 312 2.74 4.08 -7.40
C THR B 312 2.53 5.59 -7.20
N LEU B 313 1.61 5.94 -6.33
CA LEU B 313 1.27 7.33 -6.10
C LEU B 313 2.31 8.09 -5.27
N ASP B 314 3.11 7.36 -4.48
CA ASP B 314 4.29 7.93 -3.79
C ASP B 314 5.30 8.65 -4.71
N PRO B 315 5.87 7.94 -5.72
CA PRO B 315 6.67 8.64 -6.73
C PRO B 315 5.98 9.85 -7.39
N VAL B 316 4.68 9.78 -7.62
CA VAL B 316 3.95 10.89 -8.29
C VAL B 316 4.05 12.17 -7.40
N GLU B 317 3.92 11.95 -6.09
CA GLU B 317 3.99 12.99 -5.05
C GLU B 317 5.35 13.61 -4.95
N LYS B 318 6.37 12.78 -4.83
CA LYS B 318 7.77 13.18 -4.99
C LYS B 318 8.16 13.96 -6.26
N ALA B 319 7.71 13.52 -7.40
CA ALA B 319 8.13 14.18 -8.63
C ALA B 319 7.55 15.60 -8.66
N LEU B 320 6.31 15.73 -8.23
CA LEU B 320 5.64 17.02 -8.11
C LEU B 320 6.38 17.92 -7.10
N ARG B 321 6.79 17.32 -6.00
CA ARG B 321 7.56 17.95 -4.92
C ARG B 321 8.85 18.56 -5.51
N ASP B 322 9.62 17.71 -6.14
CA ASP B 322 10.89 18.07 -6.69
C ASP B 322 10.74 19.03 -7.87
N ALA B 323 9.68 18.91 -8.66
CA ALA B 323 9.38 19.93 -9.70
C ALA B 323 8.85 21.26 -9.11
N LYS B 324 8.62 21.28 -7.78
CA LYS B 324 7.86 22.37 -7.08
C LYS B 324 6.56 22.74 -7.81
N LEU B 325 5.75 21.76 -8.15
CA LEU B 325 4.46 22.03 -8.75
C LEU B 325 3.35 21.41 -7.92
N ASP B 326 2.19 22.04 -7.90
CA ASP B 326 1.01 21.43 -7.32
C ASP B 326 0.42 20.59 -8.43
N LYS B 327 -0.36 19.58 -8.06
CA LYS B 327 -0.94 18.64 -9.00
C LYS B 327 -1.91 19.31 -9.99
N SER B 328 -2.43 20.50 -9.58
CA SER B 328 -3.33 21.30 -10.43
C SER B 328 -2.56 22.09 -11.48
N GLN B 329 -1.27 22.26 -11.25
CA GLN B 329 -0.39 22.89 -12.25
C GLN B 329 -0.03 22.00 -13.47
N ILE B 330 -0.38 20.71 -13.41
CA ILE B 330 -0.05 19.80 -14.52
C ILE B 330 -1.06 19.94 -15.65
N HIS B 331 -0.56 20.34 -16.82
CA HIS B 331 -1.42 20.47 -17.99
C HIS B 331 -1.89 19.13 -18.51
N ASP B 332 -0.97 18.15 -18.56
CA ASP B 332 -1.22 16.87 -19.30
C ASP B 332 -0.63 15.72 -18.52
N ILE B 333 -1.36 14.63 -18.38
CA ILE B 333 -0.84 13.38 -17.77
C ILE B 333 -0.77 12.30 -18.86
N VAL B 334 0.40 11.71 -19.05
CA VAL B 334 0.65 10.79 -20.16
C VAL B 334 0.87 9.37 -19.61
N LEU B 335 0.12 8.39 -20.11
CA LEU B 335 0.34 6.99 -19.73
C LEU B 335 1.19 6.21 -20.76
N VAL B 336 2.24 5.59 -20.22
CA VAL B 336 3.23 4.66 -20.86
C VAL B 336 3.33 3.33 -20.09
N GLY B 337 3.45 2.22 -20.81
CA GLY B 337 3.64 0.94 -20.20
C GLY B 337 2.31 0.23 -20.18
N GLY B 338 2.29 -1.06 -20.54
CA GLY B 338 1.02 -1.78 -20.70
C GLY B 338 0.17 -1.82 -19.42
N SER B 339 0.85 -1.84 -18.28
CA SER B 339 0.16 -1.87 -16.97
C SER B 339 -0.67 -0.62 -16.70
N THR B 340 -0.36 0.49 -17.38
CA THR B 340 -1.17 1.66 -17.21
C THR B 340 -2.56 1.45 -17.83
N ARG B 341 -2.77 0.37 -18.60
CA ARG B 341 -4.11 0.03 -19.02
C ARG B 341 -5.00 -0.56 -17.91
N ILE B 342 -4.41 -0.91 -16.77
CA ILE B 342 -5.11 -1.54 -15.65
C ILE B 342 -6.14 -0.52 -15.10
N PRO B 343 -7.46 -0.78 -15.24
CA PRO B 343 -8.41 0.22 -14.76
C PRO B 343 -8.18 0.76 -13.34
N LYS B 344 -7.79 -0.10 -12.39
CA LYS B 344 -7.55 0.31 -11.02
C LYS B 344 -6.41 1.35 -10.93
N ILE B 345 -5.37 1.17 -11.75
CA ILE B 345 -4.24 2.12 -11.78
C ILE B 345 -4.70 3.46 -12.33
N GLN B 346 -5.48 3.38 -13.41
CA GLN B 346 -6.06 4.55 -14.07
C GLN B 346 -6.97 5.36 -13.15
N LYS B 347 -7.76 4.63 -12.37
CA LYS B 347 -8.68 5.16 -11.36
C LYS B 347 -7.93 5.81 -10.21
N LEU B 348 -6.87 5.15 -9.72
CA LEU B 348 -5.97 5.71 -8.68
C LEU B 348 -5.33 7.03 -9.11
N LEU B 349 -4.97 7.13 -10.39
CA LEU B 349 -4.24 8.27 -10.89
C LEU B 349 -5.21 9.41 -11.27
N GLN B 350 -6.29 9.05 -11.94
CA GLN B 350 -7.27 10.05 -12.27
C GLN B 350 -7.84 10.68 -10.98
N ASP B 351 -8.04 9.84 -9.96
CA ASP B 351 -8.50 10.31 -8.66
C ASP B 351 -7.47 11.17 -7.93
N PHE B 352 -6.21 10.74 -7.91
CA PHE B 352 -5.15 11.56 -7.33
C PHE B 352 -5.17 12.94 -7.99
N PHE B 353 -5.45 12.95 -9.29
CA PHE B 353 -5.53 14.16 -10.06
C PHE B 353 -6.89 14.88 -10.06
N ASN B 354 -7.73 14.57 -9.07
CA ASN B 354 -9.07 15.20 -8.92
C ASN B 354 -9.91 15.05 -10.20
N GLY B 355 -9.91 13.85 -10.78
CA GLY B 355 -10.64 13.59 -12.03
C GLY B 355 -10.15 14.12 -13.35
N LYS B 356 -8.91 14.62 -13.39
CA LYS B 356 -8.33 15.01 -14.68
C LYS B 356 -8.20 13.82 -15.69
N GLU B 357 -8.65 14.08 -16.92
CA GLU B 357 -8.56 13.16 -18.03
C GLU B 357 -7.10 12.79 -18.38
N LEU B 358 -6.87 11.49 -18.66
CA LEU B 358 -5.52 10.96 -18.93
C LEU B 358 -5.24 10.79 -20.41
N ASN B 359 -4.01 11.10 -20.80
CA ASN B 359 -3.58 10.88 -22.17
C ASN B 359 -3.24 9.40 -22.35
N LYS B 360 -4.12 8.67 -23.00
CA LYS B 360 -4.05 7.21 -23.01
C LYS B 360 -4.56 6.62 -24.30
N SER B 361 -4.85 7.47 -25.28
CA SER B 361 -5.32 6.97 -26.55
C SER B 361 -4.23 6.25 -27.37
N ILE B 362 -2.95 6.59 -27.19
CA ILE B 362 -1.92 5.82 -27.90
C ILE B 362 -1.62 4.59 -27.03
N ASN B 363 -1.72 3.41 -27.65
CA ASN B 363 -1.36 2.12 -27.02
C ASN B 363 -0.11 2.36 -26.16
N PRO B 364 -0.23 2.15 -24.82
CA PRO B 364 0.94 2.55 -23.99
C PRO B 364 2.18 1.66 -24.11
N ASP B 365 2.05 0.53 -24.79
CA ASP B 365 3.17 -0.34 -25.17
C ASP B 365 3.97 0.27 -26.30
N GLU B 366 3.33 1.19 -27.03
CA GLU B 366 3.90 1.72 -28.29
C GLU B 366 4.21 3.23 -28.34
N ALA B 367 3.80 3.96 -27.29
CA ALA B 367 3.84 5.43 -27.31
C ALA B 367 5.27 6.00 -27.34
N VAL B 368 6.23 5.31 -26.70
CA VAL B 368 7.65 5.72 -26.75
C VAL B 368 8.22 5.56 -28.18
N ALA B 369 7.93 4.43 -28.83
CA ALA B 369 8.42 4.22 -30.22
C ALA B 369 7.72 5.19 -31.16
N TYR B 370 6.47 5.49 -30.84
CA TYR B 370 5.65 6.36 -31.67
C TYR B 370 6.27 7.76 -31.67
N GLY B 371 6.66 8.24 -30.50
CA GLY B 371 7.30 9.55 -30.36
C GLY B 371 8.68 9.61 -31.01
N ALA B 372 9.48 8.55 -30.80
CA ALA B 372 10.77 8.44 -31.45
C ALA B 372 10.62 8.46 -32.99
N ALA B 373 9.60 7.79 -33.55
CA ALA B 373 9.40 7.79 -35.03
C ALA B 373 9.11 9.20 -35.58
N VAL B 374 8.30 9.94 -34.83
CA VAL B 374 7.97 11.35 -35.12
C VAL B 374 9.21 12.19 -35.13
N GLN B 375 10.02 12.07 -34.06
CA GLN B 375 11.27 12.76 -33.92
C GLN B 375 12.23 12.35 -35.07
N ALA B 376 12.32 11.05 -35.38
CA ALA B 376 13.15 10.61 -36.51
C ALA B 376 12.77 11.33 -37.80
N ALA B 377 11.46 11.48 -38.04
CA ALA B 377 10.90 12.08 -39.29
C ALA B 377 11.30 13.55 -39.42
N ILE B 378 11.18 14.27 -38.31
CA ILE B 378 11.69 15.62 -38.13
C ILE B 378 13.17 15.73 -38.47
N LEU B 379 13.98 14.87 -37.87
CA LEU B 379 15.41 14.92 -38.04
C LEU B 379 15.86 14.57 -39.47
N SER B 380 15.06 13.79 -40.20
CA SER B 380 15.40 13.40 -41.56
C SER B 380 14.74 14.33 -42.60
N GLY B 381 13.86 15.20 -42.13
CA GLY B 381 13.25 16.26 -42.94
C GLY B 381 11.94 15.82 -43.55
N ASP B 382 11.56 14.57 -43.27
CA ASP B 382 10.38 13.96 -43.85
C ASP B 382 9.10 14.31 -43.05
N LYS B 383 9.23 15.31 -42.17
CA LYS B 383 8.10 15.93 -41.44
C LYS B 383 8.42 17.40 -41.08
MG MG C . -12.44 3.88 19.71
P PO4 D . -12.98 0.61 19.28
O1 PO4 D . -12.35 1.87 18.87
O2 PO4 D . -13.11 0.49 20.76
O3 PO4 D . -14.32 0.38 18.60
O4 PO4 D . -12.15 -0.57 18.83
N BET E . -7.82 4.85 20.91
CA BET E . -8.02 3.35 20.83
C BET E . -9.39 2.68 21.16
O BET E . -10.47 3.30 20.90
OXT BET E . -9.39 1.52 21.70
C1 BET E . -8.89 5.64 20.32
C2 BET E . -6.62 5.19 20.14
C3 BET E . -7.54 5.26 22.31
P PO4 F . -4.96 11.37 26.02
O1 PO4 F . -4.61 11.66 24.57
O2 PO4 F . -4.30 12.42 26.90
O3 PO4 F . -6.47 11.34 26.17
O4 PO4 F . -4.40 10.01 26.37
C ACT G . -0.51 9.52 18.05
O ACT G . -0.37 10.75 18.06
OXT ACT G . -1.15 9.00 18.98
CH3 ACT G . 0.06 8.72 16.91
MG MG H . 9.46 1.55 -21.67
C ACT I . -2.35 -4.71 -19.67
O ACT I . -1.38 -4.90 -20.45
OXT ACT I . -3.38 -4.38 -20.24
CH3 ACT I . -2.23 -4.86 -18.18
P PO4 J . 1.06 -4.57 -28.35
O1 PO4 J . 2.04 -3.52 -28.88
O2 PO4 J . 0.12 -4.05 -27.26
O3 PO4 J . 0.31 -5.19 -29.52
O4 PO4 J . 1.89 -5.66 -27.74
P PO4 K . 12.09 0.93 -19.70
O1 PO4 K . 12.71 0.34 -20.99
O2 PO4 K . 12.39 -0.02 -18.54
O3 PO4 K . 10.70 1.23 -19.89
O4 PO4 K . 12.90 2.23 -19.45
N BET L . 6.25 -2.01 -21.77
CA BET L . 7.56 -2.66 -21.29
C BET L . 9.01 -1.97 -21.41
O BET L . 9.16 -0.72 -21.73
OXT BET L . 10.07 -2.69 -21.23
C1 BET L . 6.14 -0.53 -21.81
C2 BET L . 5.15 -2.44 -20.88
C3 BET L . 5.87 -2.47 -23.12
#